data_6W4K
#
_entry.id   6W4K
#
_cell.length_a   121.655
_cell.length_b   178.510
_cell.length_c   236.049
_cell.angle_alpha   90.000
_cell.angle_beta   90.000
_cell.angle_gamma   90.000
#
_symmetry.space_group_name_H-M   'I 2 2 2'
#
loop_
_entity.id
_entity.type
_entity.pdbx_description
1 polymer 'Lysine-specific histone demethylase 1A'
2 polymer 'REST corepressor 1'
3 non-polymer 4-[2-(4-aminopiperidin-1-yl)-5-(3-fluoro-4-methoxyphenyl)-1-methyl-6-oxo-1,6-dihydropyrimidin-4-yl]-2-fluorobenzonitrile
4 non-polymer 'FLAVIN-ADENINE DINUCLEOTIDE'
5 water water
#
loop_
_entity_poly.entity_id
_entity_poly.type
_entity_poly.pdbx_seq_one_letter_code
_entity_poly.pdbx_strand_id
1 'polypeptide(L)'
;VEGAAFQSRLPHDRMTSQEAACFPDIISGPQQTQKVFLFIRNRTLQLWLDNPKIQLTFEATLQQLEAPYNSDTVLVHRVH
SYLERHGLINFGIYKRIKPLPTKKTGKVIIIGSGVSGLAAARQLQSFGMDVTLLEARDRVGGRVATFRKGNYVADLGAMV
VTGLGGNPMAVVSKQVNMELAKIKQKCPLYEANGQAVPKEKDEMVEQEFNRLLEATSYLSHQLDFNVLNNKPVSLGQALE
VVIQLQEKHVKDEQIEHWKKIVKTQEELKELLNKMVNLKEKIKELHQQYKEASEVKPPRDITAEFLVKSKHRDLTALCKE
YDELAETQGKLEEKLQELEANPPSDVYLSSRDRQILDWHFANLEFANATPLSTLSLKHWDQDDDFEFTGSHLTVRNGYSC
VPVALAEGLDIKLNTAVRQVRYTASGCEVIAVNTRSTSQTFIYKCDAVLCTLPLGVLKQQPPAVQFVPPLPEWKTSAVQR
MGFGNLNKVVLCFDRVFWDPSVNLFGHVGSTTASRGELFLFWNLYKAPILLALVAGEAAGIMENISDDVIVGRCLAILKG
IFGSSAVPQPKETVVSRWRADPWARGSYSYVAAGSSGNDYDLMAQPITPGPSIPGAPQPIPRLFFAGEHTIRNYPATVHG
ALLSGLREAGRIADQFLGA
;
A
2 'polypeptide(L)'
;KPPKGMFLSQEDVEAVSANATAATTVLRQLDMELVSVKRQIQNIKQTNSALKEKLDGGIEPYRLPEVIQKCNARWTTEEQ
LLAVQAIRKYGRDFQAISDVIGNKSVVQVKNFFVNYRRRFNIDEVLQEWEAE
;
B
#
loop_
_chem_comp.id
_chem_comp.type
_chem_comp.name
_chem_comp.formula
FAD non-polymer 'FLAVIN-ADENINE DINUCLEOTIDE' 'C27 H33 N9 O15 P2'
V0Y non-polymer 4-[2-(4-aminopiperidin-1-yl)-5-(3-fluoro-4-methoxyphenyl)-1-methyl-6-oxo-1,6-dihydropyrimidin-4-yl]-2-fluorobenzonitrile 'C24 H23 F2 N5 O2'
#
# COMPACT_ATOMS: atom_id res chain seq x y z
N VAL A 1 31.85 -18.30 -4.03
CA VAL A 1 31.00 -19.50 -4.26
C VAL A 1 29.59 -19.22 -3.71
N GLU A 2 29.44 -18.53 -2.57
CA GLU A 2 28.16 -18.37 -1.80
C GLU A 2 27.22 -17.29 -2.41
N GLY A 3 27.74 -16.38 -3.23
CA GLY A 3 26.96 -15.37 -3.97
C GLY A 3 26.75 -15.84 -5.40
N ALA A 4 27.07 -17.11 -5.66
CA ALA A 4 26.62 -17.93 -6.80
C ALA A 4 25.45 -18.83 -6.37
N ALA A 5 25.38 -19.20 -5.09
CA ALA A 5 24.17 -19.81 -4.48
C ALA A 5 23.02 -18.79 -4.53
N PHE A 6 23.31 -17.55 -4.17
CA PHE A 6 22.29 -16.50 -4.16
C PHE A 6 21.90 -16.25 -5.63
N GLN A 7 22.89 -16.26 -6.54
CA GLN A 7 22.67 -15.96 -7.98
C GLN A 7 21.86 -17.13 -8.59
N SER A 8 21.76 -18.24 -7.87
CA SER A 8 20.93 -19.43 -8.22
C SER A 8 19.73 -19.58 -7.27
N ARG A 9 19.27 -18.52 -6.62
CA ARG A 9 18.16 -18.54 -5.62
C ARG A 9 18.35 -19.69 -4.61
N LEU A 10 19.59 -20.09 -4.26
CA LEU A 10 19.83 -21.14 -3.23
C LEU A 10 20.56 -20.56 -2.02
N PRO A 11 20.21 -21.01 -0.79
CA PRO A 11 21.04 -20.78 0.39
C PRO A 11 22.43 -21.42 0.29
N HIS A 12 23.55 -20.72 0.59
CA HIS A 12 24.93 -21.26 0.37
C HIS A 12 25.29 -22.31 1.42
N ASP A 13 24.58 -22.38 2.55
CA ASP A 13 25.05 -23.02 3.81
C ASP A 13 24.06 -24.11 4.24
N ARG A 14 22.87 -24.19 3.64
CA ARG A 14 21.90 -25.27 3.92
C ARG A 14 21.61 -25.98 2.59
N MET A 15 21.42 -27.29 2.64
CA MET A 15 20.80 -28.04 1.54
C MET A 15 19.27 -27.79 1.59
N THR A 16 18.66 -27.75 0.39
CA THR A 16 17.23 -27.44 0.09
C THR A 16 16.42 -28.74 0.11
N SER A 17 15.09 -28.68 0.19
CA SER A 17 14.19 -29.86 0.11
C SER A 17 14.50 -30.68 -1.15
N GLN A 18 14.70 -30.01 -2.28
CA GLN A 18 15.09 -30.66 -3.56
C GLN A 18 16.34 -31.53 -3.31
N GLU A 19 17.40 -30.92 -2.78
CA GLU A 19 18.71 -31.56 -2.55
C GLU A 19 18.47 -32.73 -1.59
N ALA A 20 17.69 -32.50 -0.55
CA ALA A 20 17.37 -33.54 0.45
C ALA A 20 16.85 -34.80 -0.25
N ALA A 21 16.03 -34.64 -1.27
CA ALA A 21 15.29 -35.80 -1.81
C ALA A 21 16.19 -36.54 -2.78
N CYS A 22 17.13 -35.86 -3.46
CA CYS A 22 18.12 -36.49 -4.38
C CYS A 22 19.42 -36.92 -3.69
N PHE A 23 19.62 -36.60 -2.43
CA PHE A 23 20.89 -36.84 -1.69
C PHE A 23 20.53 -37.06 -0.23
N PRO A 24 19.59 -37.97 0.08
CA PRO A 24 19.15 -38.20 1.46
C PRO A 24 20.31 -38.79 2.26
N ASP A 25 21.19 -39.44 1.51
CA ASP A 25 22.50 -39.87 2.02
C ASP A 25 23.06 -38.78 2.93
N ILE A 26 23.30 -37.63 2.32
CA ILE A 26 24.24 -36.57 2.75
C ILE A 26 23.60 -35.73 3.85
N ILE A 27 22.34 -35.40 3.65
CA ILE A 27 21.59 -34.50 4.54
C ILE A 27 21.17 -35.24 5.81
N SER A 28 21.04 -36.57 5.84
CA SER A 28 20.69 -37.31 7.09
C SER A 28 21.98 -37.72 7.79
N GLY A 29 23.09 -37.58 7.04
CA GLY A 29 24.44 -38.00 7.44
C GLY A 29 25.11 -36.93 8.28
N PRO A 30 26.42 -37.07 8.55
CA PRO A 30 27.19 -36.09 9.31
C PRO A 30 27.33 -34.71 8.65
N GLN A 31 27.20 -33.65 9.47
CA GLN A 31 27.37 -32.23 9.07
C GLN A 31 28.63 -32.02 8.19
N GLN A 32 29.68 -32.83 8.33
CA GLN A 32 30.94 -32.57 7.60
C GLN A 32 30.61 -32.71 6.11
N THR A 33 30.07 -33.87 5.70
CA THR A 33 29.84 -34.26 4.28
C THR A 33 28.90 -33.22 3.61
N GLN A 34 27.88 -32.75 4.35
CA GLN A 34 27.00 -31.63 3.91
C GLN A 34 27.85 -30.47 3.40
N LYS A 35 28.79 -29.99 4.21
CA LYS A 35 29.71 -28.90 3.80
C LYS A 35 30.39 -29.26 2.45
N VAL A 36 30.82 -30.51 2.26
CA VAL A 36 31.52 -30.94 1.02
C VAL A 36 30.54 -30.87 -0.16
N PHE A 37 29.36 -31.46 0.04
CA PHE A 37 28.25 -31.35 -0.92
C PHE A 37 28.13 -29.88 -1.33
N LEU A 38 27.86 -29.06 -0.32
CA LEU A 38 27.48 -27.63 -0.47
C LEU A 38 28.62 -26.88 -1.16
N PHE A 39 29.88 -27.23 -0.86
CA PHE A 39 31.03 -26.63 -1.58
C PHE A 39 30.90 -27.01 -3.05
N ILE A 40 30.80 -28.32 -3.33
CA ILE A 40 30.89 -28.84 -4.72
C ILE A 40 29.76 -28.20 -5.53
N ARG A 41 28.60 -28.07 -4.89
CA ARG A 41 27.40 -27.46 -5.51
C ARG A 41 27.75 -26.01 -5.84
N ASN A 42 28.01 -25.23 -4.80
CA ASN A 42 28.22 -23.77 -4.91
C ASN A 42 29.32 -23.55 -5.95
N ARG A 43 30.37 -24.37 -5.91
CA ARG A 43 31.51 -24.21 -6.84
C ARG A 43 31.05 -24.50 -8.29
N THR A 44 30.40 -25.66 -8.53
CA THR A 44 29.93 -26.06 -9.89
C THR A 44 29.06 -24.93 -10.49
N LEU A 45 28.24 -24.28 -9.64
CA LEU A 45 27.33 -23.19 -10.06
C LEU A 45 28.16 -21.99 -10.47
N GLN A 46 29.11 -21.62 -9.60
CA GLN A 46 30.08 -20.50 -9.83
C GLN A 46 30.74 -20.75 -11.19
N LEU A 47 31.16 -21.98 -11.43
CA LEU A 47 31.93 -22.31 -12.66
C LEU A 47 31.06 -22.07 -13.90
N TRP A 48 29.86 -22.66 -13.89
CA TRP A 48 28.81 -22.45 -14.93
C TRP A 48 28.62 -20.95 -15.13
N LEU A 49 28.36 -20.26 -14.02
CA LEU A 49 27.96 -18.83 -14.03
C LEU A 49 29.09 -17.96 -14.59
N ASP A 50 30.35 -18.26 -14.21
CA ASP A 50 31.55 -17.54 -14.69
C ASP A 50 31.60 -17.54 -16.22
N ASN A 51 31.25 -18.65 -16.87
CA ASN A 51 31.20 -18.67 -18.36
C ASN A 51 30.03 -19.54 -18.82
N PRO A 52 28.84 -18.94 -18.98
CA PRO A 52 27.60 -19.68 -19.22
C PRO A 52 27.27 -19.71 -20.71
N LYS A 53 28.22 -19.19 -21.49
CA LYS A 53 28.17 -19.08 -22.96
C LYS A 53 28.51 -20.46 -23.55
N ILE A 54 28.95 -21.43 -22.72
CA ILE A 54 29.40 -22.80 -23.17
C ILE A 54 29.18 -23.84 -22.05
N GLN A 55 28.90 -25.06 -22.50
CA GLN A 55 28.53 -26.22 -21.65
C GLN A 55 29.61 -26.48 -20.59
N LEU A 56 29.20 -26.71 -19.36
CA LEU A 56 30.10 -27.14 -18.26
C LEU A 56 29.89 -28.64 -18.07
N THR A 57 30.70 -29.45 -18.77
CA THR A 57 30.75 -30.94 -18.72
C THR A 57 31.16 -31.41 -17.33
N PHE A 58 30.92 -32.69 -17.00
CA PHE A 58 31.41 -33.34 -15.76
C PHE A 58 32.92 -33.20 -15.66
N GLU A 59 33.57 -33.46 -16.80
CA GLU A 59 35.01 -33.22 -17.07
C GLU A 59 35.44 -31.89 -16.42
N ALA A 60 35.18 -30.76 -17.09
CA ALA A 60 35.74 -29.42 -16.75
C ALA A 60 35.49 -29.13 -15.26
N THR A 61 34.36 -29.59 -14.73
CA THR A 61 33.94 -29.36 -13.32
C THR A 61 35.04 -29.94 -12.43
N LEU A 62 35.38 -31.20 -12.68
CA LEU A 62 36.37 -31.98 -11.90
C LEU A 62 37.74 -31.30 -12.03
N GLN A 63 38.17 -30.97 -13.25
CA GLN A 63 39.46 -30.29 -13.53
C GLN A 63 39.62 -29.07 -12.60
N GLN A 64 38.58 -28.25 -12.40
CA GLN A 64 38.69 -26.90 -11.77
C GLN A 64 38.26 -26.92 -10.30
N LEU A 65 38.03 -28.09 -9.71
CA LEU A 65 37.95 -28.27 -8.25
C LEU A 65 39.36 -28.56 -7.75
N GLU A 66 39.60 -28.42 -6.43
CA GLU A 66 40.93 -28.60 -5.80
C GLU A 66 40.81 -29.53 -4.59
N ALA A 67 41.80 -29.48 -3.70
CA ALA A 67 41.69 -29.78 -2.25
C ALA A 67 41.05 -31.16 -2.10
N PRO A 68 40.33 -31.50 -1.00
CA PRO A 68 39.77 -32.85 -0.89
C PRO A 68 38.47 -33.06 -1.69
N TYR A 69 38.21 -32.26 -2.73
CA TYR A 69 36.88 -32.21 -3.40
C TYR A 69 36.89 -33.21 -4.54
N ASN A 70 37.81 -33.03 -5.51
CA ASN A 70 38.01 -34.04 -6.59
C ASN A 70 38.57 -35.35 -6.00
N SER A 71 38.73 -35.45 -4.68
CA SER A 71 38.74 -36.74 -3.92
C SER A 71 37.51 -37.54 -4.32
N ASP A 72 36.34 -37.28 -3.70
CA ASP A 72 35.09 -38.01 -4.02
C ASP A 72 34.60 -37.49 -5.37
N THR A 73 34.41 -38.37 -6.36
CA THR A 73 34.18 -37.99 -7.78
C THR A 73 32.87 -38.57 -8.27
N VAL A 74 32.34 -39.60 -7.61
CA VAL A 74 30.88 -39.92 -7.74
C VAL A 74 30.11 -38.73 -7.16
N LEU A 75 30.56 -38.14 -6.05
CA LEU A 75 29.80 -37.00 -5.46
C LEU A 75 29.86 -35.82 -6.43
N VAL A 76 31.02 -35.46 -6.93
CA VAL A 76 31.11 -34.36 -7.93
C VAL A 76 30.15 -34.67 -9.10
N HIS A 77 29.95 -35.93 -9.47
CA HIS A 77 29.13 -36.37 -10.64
C HIS A 77 27.63 -36.33 -10.28
N ARG A 78 27.20 -37.06 -9.24
CA ARG A 78 25.83 -37.09 -8.66
C ARG A 78 25.32 -35.63 -8.59
N VAL A 79 26.14 -34.68 -8.08
CA VAL A 79 25.86 -33.21 -8.00
C VAL A 79 25.76 -32.59 -9.38
N HIS A 80 26.81 -32.68 -10.21
CA HIS A 80 26.83 -32.06 -11.55
C HIS A 80 25.57 -32.49 -12.34
N SER A 81 25.26 -33.79 -12.35
CA SER A 81 24.01 -34.34 -12.96
C SER A 81 22.77 -33.67 -12.32
N TYR A 82 22.66 -33.62 -11.00
CA TYR A 82 21.49 -32.98 -10.31
C TYR A 82 21.35 -31.54 -10.79
N LEU A 83 22.43 -30.77 -10.77
CA LEU A 83 22.36 -29.37 -11.27
C LEU A 83 21.87 -29.35 -12.73
N GLU A 84 22.39 -30.17 -13.65
CA GLU A 84 22.06 -29.96 -15.09
C GLU A 84 20.60 -30.39 -15.34
N ARG A 85 20.08 -31.30 -14.50
CA ARG A 85 18.72 -31.85 -14.65
C ARG A 85 17.71 -30.76 -14.27
N HIS A 86 17.93 -30.18 -13.09
CA HIS A 86 17.10 -29.07 -12.58
C HIS A 86 17.52 -27.71 -13.18
N GLY A 87 18.27 -27.65 -14.27
CA GLY A 87 18.45 -26.42 -15.08
C GLY A 87 19.09 -25.27 -14.31
N LEU A 88 20.11 -25.62 -13.51
CA LEU A 88 20.90 -24.64 -12.71
C LEU A 88 22.22 -24.37 -13.43
N ILE A 89 22.68 -25.37 -14.20
CA ILE A 89 23.83 -25.24 -15.14
C ILE A 89 23.42 -25.78 -16.51
N ASN A 90 24.10 -25.36 -17.58
CA ASN A 90 23.77 -25.80 -18.96
C ASN A 90 22.26 -25.63 -19.20
N PHE A 91 21.78 -24.38 -19.08
CA PHE A 91 20.41 -23.98 -19.50
C PHE A 91 20.57 -22.77 -20.40
N GLY A 92 19.52 -22.45 -21.15
CA GLY A 92 19.52 -21.31 -22.07
C GLY A 92 20.19 -21.64 -23.38
N ILE A 93 21.14 -20.80 -23.78
CA ILE A 93 21.88 -21.00 -25.06
C ILE A 93 23.36 -21.05 -24.70
N TYR A 94 23.96 -22.20 -25.02
CA TYR A 94 25.35 -22.61 -24.71
C TYR A 94 25.89 -23.46 -25.87
N LYS A 95 27.12 -23.18 -26.31
CA LYS A 95 27.90 -24.03 -27.26
C LYS A 95 28.08 -25.38 -26.58
N ARG A 96 27.52 -26.46 -27.16
CA ARG A 96 27.66 -27.83 -26.60
C ARG A 96 29.12 -28.22 -26.77
N ILE A 97 29.66 -29.08 -25.93
CA ILE A 97 30.97 -29.72 -26.23
C ILE A 97 30.71 -31.12 -26.78
N LYS A 98 30.13 -31.99 -25.94
CA LYS A 98 29.66 -33.35 -26.33
C LYS A 98 28.39 -33.21 -27.18
N PRO A 99 28.41 -33.37 -28.53
CA PRO A 99 27.24 -33.02 -29.35
C PRO A 99 26.07 -33.99 -29.06
N LEU A 100 24.90 -33.71 -29.61
CA LEU A 100 23.62 -34.25 -29.07
C LEU A 100 23.55 -35.76 -29.23
N PRO A 101 23.12 -36.51 -28.19
CA PRO A 101 22.72 -37.90 -28.37
C PRO A 101 22.23 -38.21 -29.80
N THR A 102 23.08 -38.90 -30.56
CA THR A 102 22.81 -39.64 -31.83
C THR A 102 21.28 -39.78 -32.08
N LYS A 103 20.62 -40.62 -31.27
CA LYS A 103 19.20 -41.00 -31.41
C LYS A 103 18.52 -40.75 -30.08
N LYS A 104 17.24 -40.39 -30.15
CA LYS A 104 16.53 -39.71 -29.05
C LYS A 104 15.70 -40.76 -28.32
N THR A 105 15.13 -40.39 -27.18
CA THR A 105 14.42 -41.28 -26.22
C THR A 105 13.16 -40.58 -25.69
N GLY A 106 11.98 -41.19 -25.81
CA GLY A 106 10.69 -40.56 -25.47
C GLY A 106 10.36 -39.45 -26.45
N LYS A 107 9.07 -39.10 -26.55
CA LYS A 107 8.58 -38.06 -27.48
C LYS A 107 7.64 -37.17 -26.68
N VAL A 108 7.94 -35.85 -26.65
CA VAL A 108 7.17 -34.83 -25.90
C VAL A 108 6.57 -33.85 -26.90
N ILE A 109 5.27 -33.60 -26.75
CA ILE A 109 4.59 -32.43 -27.37
C ILE A 109 4.49 -31.35 -26.30
N ILE A 110 5.18 -30.23 -26.56
CA ILE A 110 5.04 -28.95 -25.84
C ILE A 110 4.03 -28.06 -26.60
N ILE A 111 2.95 -27.67 -25.93
CA ILE A 111 1.99 -26.65 -26.41
C ILE A 111 2.47 -25.25 -26.00
N GLY A 112 2.74 -24.39 -26.98
CA GLY A 112 3.20 -22.99 -26.82
C GLY A 112 4.71 -22.88 -26.97
N SER A 113 5.19 -21.94 -27.80
CA SER A 113 6.62 -21.57 -27.91
C SER A 113 6.80 -20.18 -27.32
N GLY A 114 6.05 -19.89 -26.25
CA GLY A 114 6.43 -18.89 -25.25
C GLY A 114 7.74 -19.25 -24.56
N VAL A 115 8.15 -18.44 -23.61
CA VAL A 115 9.47 -18.65 -22.98
C VAL A 115 9.38 -19.94 -22.15
N SER A 116 8.26 -20.22 -21.48
CA SER A 116 8.17 -21.43 -20.62
C SER A 116 8.38 -22.64 -21.52
N GLY A 117 7.68 -22.67 -22.66
CA GLY A 117 7.86 -23.72 -23.69
C GLY A 117 9.30 -23.82 -24.17
N LEU A 118 9.83 -22.77 -24.78
CA LEU A 118 11.18 -22.82 -25.37
C LEU A 118 12.15 -23.35 -24.31
N ALA A 119 12.00 -22.91 -23.07
CA ALA A 119 12.99 -23.24 -22.04
C ALA A 119 12.93 -24.75 -21.84
N ALA A 120 11.74 -25.28 -21.59
CA ALA A 120 11.55 -26.74 -21.42
C ALA A 120 12.07 -27.49 -22.65
N ALA A 121 11.62 -27.10 -23.84
CA ALA A 121 12.01 -27.72 -25.11
C ALA A 121 13.54 -27.87 -25.17
N ARG A 122 14.28 -26.78 -25.08
CA ARG A 122 15.76 -26.85 -25.15
C ARG A 122 16.28 -27.87 -24.14
N GLN A 123 15.77 -27.85 -22.90
CA GLN A 123 16.29 -28.73 -21.82
C GLN A 123 16.07 -30.16 -22.27
N LEU A 124 14.82 -30.46 -22.61
CA LEU A 124 14.38 -31.82 -22.96
C LEU A 124 15.22 -32.29 -24.16
N GLN A 125 15.43 -31.45 -25.15
CA GLN A 125 16.26 -31.80 -26.33
C GLN A 125 17.69 -32.06 -25.83
N SER A 126 18.25 -31.20 -24.99
CA SER A 126 19.60 -31.39 -24.40
C SER A 126 19.71 -32.74 -23.67
N PHE A 127 18.62 -33.29 -23.13
CA PHE A 127 18.64 -34.61 -22.43
C PHE A 127 18.33 -35.77 -23.38
N GLY A 128 18.37 -35.50 -24.68
CA GLY A 128 18.04 -36.45 -25.77
C GLY A 128 16.60 -36.91 -25.73
N MET A 129 15.66 -36.00 -25.89
CA MET A 129 14.23 -36.38 -26.03
C MET A 129 13.79 -35.78 -27.35
N ASP A 130 12.74 -36.39 -27.91
CA ASP A 130 12.22 -35.93 -29.21
C ASP A 130 11.18 -34.88 -28.86
N VAL A 131 11.54 -33.61 -29.07
CA VAL A 131 10.60 -32.53 -28.67
C VAL A 131 10.07 -31.87 -29.93
N THR A 132 8.76 -31.66 -29.95
CA THR A 132 8.07 -30.82 -30.94
C THR A 132 7.16 -29.85 -30.18
N LEU A 133 7.27 -28.57 -30.54
CA LEU A 133 6.43 -27.50 -29.97
C LEU A 133 5.33 -27.20 -30.97
N LEU A 134 4.09 -27.01 -30.49
CA LEU A 134 2.95 -26.54 -31.31
C LEU A 134 2.55 -25.12 -30.89
N GLU A 135 2.73 -24.14 -31.77
CA GLU A 135 2.41 -22.72 -31.52
C GLU A 135 1.27 -22.27 -32.45
N ALA A 136 0.22 -21.66 -31.90
CA ALA A 136 -0.93 -21.14 -32.67
C ALA A 136 -0.51 -19.90 -33.49
N ARG A 137 0.41 -19.10 -32.95
CA ARG A 137 0.86 -17.84 -33.60
C ARG A 137 1.76 -18.16 -34.79
N ASP A 138 2.06 -17.15 -35.62
CA ASP A 138 3.07 -17.17 -36.71
C ASP A 138 4.45 -16.74 -36.16
N ARG A 139 4.64 -16.76 -34.84
CA ARG A 139 5.97 -16.42 -34.27
C ARG A 139 6.16 -17.17 -32.97
N VAL A 140 7.41 -17.16 -32.48
CA VAL A 140 7.72 -17.61 -31.10
C VAL A 140 7.50 -16.45 -30.11
N GLY A 141 7.56 -16.76 -28.82
CA GLY A 141 7.80 -15.81 -27.73
C GLY A 141 6.55 -15.48 -26.97
N GLY A 142 5.38 -15.62 -27.57
CA GLY A 142 4.13 -15.48 -26.81
C GLY A 142 4.00 -14.07 -26.27
N ARG A 143 3.87 -13.93 -24.96
CA ARG A 143 3.65 -12.61 -24.32
C ARG A 143 4.96 -11.82 -24.31
N VAL A 144 6.07 -12.41 -24.73
CA VAL A 144 7.26 -11.63 -25.18
C VAL A 144 7.07 -11.34 -26.66
N ALA A 145 6.90 -10.08 -27.02
CA ALA A 145 6.36 -9.69 -28.34
C ALA A 145 6.82 -8.27 -28.66
N THR A 146 7.69 -8.16 -29.65
CA THR A 146 8.40 -6.92 -30.04
C THR A 146 7.95 -6.47 -31.42
N PHE A 147 7.34 -5.28 -31.50
CA PHE A 147 7.07 -4.51 -32.75
C PHE A 147 8.39 -4.07 -33.38
N ARG A 148 8.47 -4.10 -34.72
CA ARG A 148 9.72 -3.85 -35.52
C ARG A 148 9.40 -3.36 -36.95
N LYS A 149 9.46 -2.05 -37.18
CA LYS A 149 9.37 -1.41 -38.50
C LYS A 149 10.54 -0.43 -38.61
N GLY A 150 11.24 -0.43 -39.75
CA GLY A 150 12.44 0.41 -39.92
C GLY A 150 13.40 0.25 -38.74
N ASN A 151 13.78 1.36 -38.10
CA ASN A 151 14.65 1.37 -36.89
C ASN A 151 13.75 1.51 -35.66
N TYR A 152 12.44 1.66 -35.86
CA TYR A 152 11.43 1.56 -34.76
C TYR A 152 11.41 0.15 -34.17
N VAL A 153 11.47 0.09 -32.83
CA VAL A 153 11.51 -1.15 -32.01
C VAL A 153 10.81 -0.91 -30.67
N ALA A 154 9.70 -1.59 -30.42
CA ALA A 154 8.91 -1.40 -29.18
C ALA A 154 8.29 -2.74 -28.76
N ASP A 155 8.55 -3.15 -27.51
CA ASP A 155 7.97 -4.37 -26.88
C ASP A 155 6.51 -4.11 -26.54
N LEU A 156 5.61 -5.02 -26.91
CA LEU A 156 4.17 -4.90 -26.64
C LEU A 156 3.79 -5.81 -25.47
N GLY A 157 4.66 -6.71 -25.07
CA GLY A 157 4.57 -7.47 -23.80
C GLY A 157 5.71 -7.11 -22.86
N ALA A 158 6.39 -8.09 -22.29
CA ALA A 158 7.50 -7.86 -21.35
C ALA A 158 8.52 -6.86 -21.93
N MET A 159 8.92 -5.87 -21.11
CA MET A 159 10.00 -4.90 -21.44
C MET A 159 10.95 -4.68 -20.26
N VAL A 160 10.67 -5.21 -19.08
CA VAL A 160 11.56 -4.97 -17.92
C VAL A 160 12.26 -6.25 -17.43
N VAL A 161 13.46 -6.07 -16.92
CA VAL A 161 14.12 -7.09 -16.07
C VAL A 161 14.16 -6.54 -14.64
N THR A 162 13.10 -6.76 -13.86
CA THR A 162 13.00 -6.32 -12.44
C THR A 162 14.11 -6.96 -11.59
N GLY A 163 15.37 -6.64 -11.91
CA GLY A 163 16.55 -7.09 -11.13
C GLY A 163 17.34 -8.16 -11.86
N LEU A 164 18.67 -8.14 -11.72
CA LEU A 164 19.53 -9.29 -12.13
C LEU A 164 19.99 -10.09 -10.88
N GLY A 165 19.53 -9.71 -9.68
CA GLY A 165 20.04 -10.29 -8.42
C GLY A 165 19.46 -11.65 -8.13
N GLY A 166 20.01 -12.66 -8.80
CA GLY A 166 19.49 -14.03 -8.68
C GLY A 166 18.41 -14.31 -9.68
N ASN A 167 18.45 -13.61 -10.82
CA ASN A 167 17.52 -13.76 -11.97
C ASN A 167 18.24 -14.58 -13.03
N PRO A 168 17.67 -15.74 -13.42
CA PRO A 168 18.16 -16.49 -14.57
C PRO A 168 18.37 -15.71 -15.86
N MET A 169 18.16 -14.41 -15.95
CA MET A 169 18.65 -13.65 -17.15
C MET A 169 19.83 -12.65 -16.87
N MET A 178 22.01 -9.10 -26.05
CA MET A 178 20.79 -8.45 -25.45
C MET A 178 21.16 -7.24 -24.57
N GLU A 179 20.60 -6.07 -24.86
CA GLU A 179 21.15 -4.80 -24.35
C GLU A 179 20.21 -4.19 -23.30
N LEU A 180 20.56 -4.34 -22.02
CA LEU A 180 19.72 -3.84 -20.87
C LEU A 180 20.11 -2.40 -20.54
N ALA A 181 19.17 -1.64 -19.97
CA ALA A 181 19.26 -0.19 -19.72
C ALA A 181 18.58 0.19 -18.41
N LYS A 182 19.30 0.82 -17.47
CA LYS A 182 18.78 1.28 -16.13
C LYS A 182 17.58 2.23 -16.35
N ILE A 183 16.71 2.33 -15.37
CA ILE A 183 15.51 3.19 -15.49
C ILE A 183 15.78 4.37 -14.57
N LYS A 184 15.78 5.60 -15.08
CA LYS A 184 15.92 6.81 -14.23
C LYS A 184 14.62 6.89 -13.41
N GLN A 185 14.67 6.54 -12.13
CA GLN A 185 13.41 6.21 -11.39
C GLN A 185 12.92 7.54 -10.80
N LYS A 186 12.95 8.59 -11.62
CA LYS A 186 12.44 9.97 -11.36
C LYS A 186 11.24 10.24 -12.29
N CYS A 187 10.00 10.24 -11.78
CA CYS A 187 8.79 10.31 -12.65
C CYS A 187 7.92 11.53 -12.33
N PRO A 188 8.04 12.60 -13.13
CA PRO A 188 7.14 13.76 -13.05
C PRO A 188 5.68 13.49 -13.48
N LEU A 189 4.69 14.02 -12.73
CA LEU A 189 3.24 13.91 -13.06
C LEU A 189 2.73 15.19 -13.73
N TYR A 190 1.52 15.16 -14.26
CA TYR A 190 1.01 16.25 -15.15
C TYR A 190 -0.52 16.23 -15.18
N GLU A 191 -1.17 16.88 -14.22
CA GLU A 191 -2.65 16.96 -14.12
C GLU A 191 -3.27 17.18 -15.51
N ALA A 192 -4.58 16.90 -15.59
CA ALA A 192 -5.37 16.82 -16.83
C ALA A 192 -5.04 17.96 -17.81
N ASN A 193 -4.96 19.21 -17.32
CA ASN A 193 -4.74 20.45 -18.11
C ASN A 193 -3.38 20.44 -18.83
N GLY A 194 -2.31 19.98 -18.14
CA GLY A 194 -0.92 20.00 -18.61
C GLY A 194 0.06 20.46 -17.54
N GLN A 195 -0.45 20.96 -16.40
CA GLN A 195 0.39 21.55 -15.33
C GLN A 195 1.17 20.45 -14.62
N ALA A 196 2.51 20.50 -14.62
CA ALA A 196 3.35 19.61 -13.77
C ALA A 196 2.84 19.64 -12.33
N VAL A 197 3.37 18.78 -11.47
CA VAL A 197 2.87 18.74 -10.07
C VAL A 197 4.06 19.17 -9.22
N PRO A 198 3.94 20.27 -8.45
CA PRO A 198 5.05 20.72 -7.61
C PRO A 198 5.63 19.53 -6.81
N LYS A 199 6.97 19.38 -6.75
CA LYS A 199 7.63 18.27 -5.99
C LYS A 199 7.15 18.29 -4.53
N GLU A 200 6.87 19.47 -3.97
CA GLU A 200 6.10 19.68 -2.71
C GLU A 200 5.01 18.60 -2.54
N LYS A 201 4.05 18.54 -3.49
CA LYS A 201 2.85 17.66 -3.52
C LYS A 201 3.24 16.21 -3.81
N ASP A 202 3.90 16.00 -4.96
CA ASP A 202 4.22 14.65 -5.48
C ASP A 202 4.64 13.77 -4.30
N GLU A 203 5.48 14.35 -3.42
CA GLU A 203 6.05 13.70 -2.22
C GLU A 203 4.97 13.54 -1.14
N MET A 204 4.13 14.55 -0.85
CA MET A 204 3.03 14.47 0.17
C MET A 204 2.33 13.13 -0.09
N VAL A 205 1.92 12.94 -1.35
CA VAL A 205 0.90 11.93 -1.78
C VAL A 205 1.59 10.57 -1.92
N GLU A 206 2.74 10.49 -2.60
CA GLU A 206 3.55 9.25 -2.64
C GLU A 206 3.72 8.71 -1.21
N GLN A 207 4.08 9.58 -0.26
CA GLN A 207 4.17 9.17 1.16
C GLN A 207 2.77 8.70 1.64
N GLU A 208 1.70 9.41 1.29
CA GLU A 208 0.34 9.06 1.79
C GLU A 208 -0.05 7.70 1.21
N PHE A 209 0.18 7.51 -0.09
CA PHE A 209 0.03 6.23 -0.83
C PHE A 209 0.79 5.13 -0.08
N ASN A 210 2.10 5.33 0.12
CA ASN A 210 2.95 4.33 0.82
C ASN A 210 2.35 4.01 2.19
N ARG A 211 1.82 5.01 2.91
CA ARG A 211 1.32 4.82 4.29
C ARG A 211 0.00 4.07 4.21
N LEU A 212 -0.80 4.47 3.23
CA LEU A 212 -2.14 3.87 2.96
C LEU A 212 -1.99 2.38 2.68
N LEU A 213 -0.95 2.00 1.93
CA LEU A 213 -0.66 0.56 1.68
C LEU A 213 -0.28 -0.15 2.98
N GLU A 214 0.79 0.27 3.67
CA GLU A 214 1.20 -0.37 4.96
C GLU A 214 -0.06 -0.50 5.83
N ALA A 215 -0.94 0.50 5.74
CA ALA A 215 -2.19 0.57 6.54
C ALA A 215 -3.06 -0.66 6.27
N THR A 216 -3.26 -0.99 4.98
CA THR A 216 -4.02 -2.20 4.54
C THR A 216 -3.32 -3.45 5.08
N SER A 217 -1.99 -3.50 5.07
CA SER A 217 -1.25 -4.69 5.56
C SER A 217 -1.57 -4.93 7.05
N TYR A 218 -1.47 -3.87 7.87
CA TYR A 218 -1.89 -3.83 9.29
C TYR A 218 -3.36 -4.26 9.37
N LEU A 219 -4.17 -3.60 8.55
CA LEU A 219 -5.62 -3.83 8.57
C LEU A 219 -5.85 -5.33 8.29
N SER A 220 -5.00 -5.96 7.46
CA SER A 220 -5.11 -7.40 7.08
C SER A 220 -4.63 -8.30 8.22
N HIS A 221 -3.35 -8.14 8.62
CA HIS A 221 -2.59 -9.08 9.47
C HIS A 221 -3.04 -8.90 10.95
N GLN A 222 -2.82 -7.72 11.52
CA GLN A 222 -3.10 -7.39 12.94
C GLN A 222 -4.62 -7.43 13.20
N LEU A 223 -5.42 -6.68 12.45
CA LEU A 223 -6.86 -6.56 12.75
C LEU A 223 -7.68 -7.71 12.15
N ASP A 224 -7.08 -8.60 11.35
CA ASP A 224 -7.73 -9.77 10.70
C ASP A 224 -9.08 -9.33 10.09
N PHE A 225 -9.01 -8.49 9.06
CA PHE A 225 -10.18 -7.98 8.30
C PHE A 225 -10.04 -8.49 6.87
N ASN A 226 -10.32 -9.78 6.65
CA ASN A 226 -10.03 -10.48 5.36
C ASN A 226 -11.34 -11.03 4.75
N VAL A 227 -12.35 -11.33 5.57
CA VAL A 227 -13.76 -11.58 5.18
C VAL A 227 -14.59 -10.35 5.55
N LEU A 228 -15.77 -10.21 4.94
CA LEU A 228 -16.80 -9.21 5.32
C LEU A 228 -18.00 -9.42 4.39
N ASN A 229 -19.04 -10.10 4.89
CA ASN A 229 -20.31 -10.42 4.17
C ASN A 229 -20.16 -11.76 3.47
N ASN A 230 -19.48 -12.72 4.11
CA ASN A 230 -19.03 -14.00 3.48
C ASN A 230 -17.92 -13.71 2.45
N LYS A 231 -18.21 -12.87 1.44
CA LYS A 231 -17.25 -12.51 0.35
C LYS A 231 -15.93 -12.04 0.97
N PRO A 232 -14.75 -12.42 0.45
CA PRO A 232 -13.46 -11.92 0.95
C PRO A 232 -13.14 -10.51 0.44
N VAL A 233 -12.06 -9.92 0.94
CA VAL A 233 -11.80 -8.45 0.92
C VAL A 233 -10.70 -8.17 -0.09
N SER A 234 -10.96 -7.26 -1.01
CA SER A 234 -9.95 -6.82 -2.01
C SER A 234 -9.06 -5.77 -1.38
N LEU A 235 -7.84 -5.67 -1.87
CA LEU A 235 -6.92 -4.55 -1.53
C LEU A 235 -7.72 -3.27 -1.69
N GLY A 236 -8.41 -3.11 -2.83
CA GLY A 236 -9.40 -2.02 -3.04
C GLY A 236 -10.26 -1.74 -1.81
N GLN A 237 -11.14 -2.67 -1.42
CA GLN A 237 -12.03 -2.49 -0.26
C GLN A 237 -11.22 -1.97 0.93
N ALA A 238 -10.12 -2.63 1.28
CA ALA A 238 -9.27 -2.26 2.43
C ALA A 238 -8.81 -0.80 2.28
N LEU A 239 -8.34 -0.41 1.09
CA LEU A 239 -7.78 0.96 0.89
C LEU A 239 -8.88 1.98 1.14
N GLU A 240 -10.08 1.74 0.63
CA GLU A 240 -11.25 2.65 0.84
C GLU A 240 -11.57 2.74 2.33
N VAL A 241 -11.77 1.60 2.98
CA VAL A 241 -11.95 1.53 4.45
C VAL A 241 -10.87 2.38 5.13
N VAL A 242 -9.61 2.18 4.79
CA VAL A 242 -8.52 2.93 5.47
C VAL A 242 -8.71 4.43 5.23
N ILE A 243 -8.99 4.81 3.99
CA ILE A 243 -9.12 6.24 3.58
C ILE A 243 -10.33 6.86 4.27
N GLN A 244 -11.45 6.15 4.33
CA GLN A 244 -12.64 6.59 5.09
C GLN A 244 -12.21 6.82 6.54
N LEU A 245 -11.67 5.81 7.21
CA LEU A 245 -11.22 5.95 8.63
C LEU A 245 -10.28 7.15 8.81
N GLN A 246 -9.53 7.56 7.78
CA GLN A 246 -8.63 8.76 7.86
C GLN A 246 -9.46 10.05 7.81
N GLU A 247 -10.32 10.19 6.80
CA GLU A 247 -11.41 11.20 6.70
C GLU A 247 -12.15 11.33 8.04
N LYS A 248 -12.61 10.22 8.62
CA LYS A 248 -13.34 10.21 9.90
C LYS A 248 -12.46 10.87 10.97
N HIS A 249 -11.25 10.37 11.20
CA HIS A 249 -10.35 10.95 12.22
C HIS A 249 -9.97 12.40 11.89
N VAL A 250 -10.13 12.90 10.66
CA VAL A 250 -9.98 14.38 10.41
C VAL A 250 -11.05 15.10 11.25
N LYS A 251 -12.29 14.65 11.05
CA LYS A 251 -13.54 15.17 11.66
C LYS A 251 -13.53 14.95 13.17
N ASP A 252 -13.22 13.76 13.64
CA ASP A 252 -13.04 13.50 15.08
C ASP A 252 -12.11 14.58 15.71
N GLU A 253 -11.10 15.08 14.98
CA GLU A 253 -10.20 16.17 15.48
C GLU A 253 -10.95 17.50 15.40
N GLN A 254 -11.40 17.87 14.20
CA GLN A 254 -12.27 19.05 13.95
C GLN A 254 -13.27 19.19 15.11
N ILE A 255 -14.00 18.13 15.44
CA ILE A 255 -14.95 18.14 16.59
C ILE A 255 -14.14 18.47 17.84
N GLU A 256 -13.43 17.53 18.48
CA GLU A 256 -12.78 17.71 19.82
C GLU A 256 -12.16 19.13 20.00
N HIS A 257 -11.76 19.84 18.92
CA HIS A 257 -11.25 21.25 18.91
C HIS A 257 -12.37 22.30 19.03
N TRP A 258 -13.24 22.43 18.03
CA TRP A 258 -14.44 23.32 18.08
C TRP A 258 -15.29 23.03 19.34
N LYS A 259 -15.08 21.91 20.03
CA LYS A 259 -15.77 21.47 21.28
C LYS A 259 -15.01 21.95 22.51
N LYS A 260 -13.68 22.06 22.44
CA LYS A 260 -12.85 22.58 23.57
C LYS A 260 -12.73 24.08 23.35
N ILE A 261 -13.20 24.61 22.23
CA ILE A 261 -13.55 26.06 22.15
C ILE A 261 -14.82 26.32 22.98
N VAL A 262 -15.93 25.60 22.76
CA VAL A 262 -17.17 25.89 23.54
C VAL A 262 -16.86 25.74 25.03
N LYS A 263 -16.31 24.61 25.46
CA LYS A 263 -16.12 24.35 26.91
C LYS A 263 -15.46 25.60 27.51
N THR A 264 -14.46 26.16 26.80
CA THR A 264 -13.70 27.38 27.22
C THR A 264 -14.64 28.58 27.19
N GLN A 265 -15.48 28.78 26.16
CA GLN A 265 -16.36 29.97 26.21
C GLN A 265 -17.64 29.76 27.03
N GLU A 266 -17.86 28.61 27.67
CA GLU A 266 -18.88 28.49 28.73
C GLU A 266 -18.20 28.61 30.09
N GLU A 267 -16.92 28.96 30.12
CA GLU A 267 -16.22 29.34 31.37
C GLU A 267 -16.16 30.86 31.40
N LEU A 268 -15.89 31.47 30.24
CA LEU A 268 -15.96 32.94 30.00
C LEU A 268 -17.38 33.42 30.32
N LYS A 269 -18.41 32.67 29.90
CA LYS A 269 -19.84 32.95 30.19
C LYS A 269 -20.11 32.92 31.68
N GLU A 270 -19.93 31.77 32.33
CA GLU A 270 -20.09 31.58 33.79
C GLU A 270 -19.38 32.68 34.60
N LEU A 271 -18.32 33.29 34.05
CA LEU A 271 -17.46 34.29 34.75
C LEU A 271 -17.94 35.70 34.42
N LEU A 272 -18.19 36.00 33.15
CA LEU A 272 -18.81 37.29 32.75
C LEU A 272 -20.11 37.49 33.56
N ASN A 273 -20.82 36.41 33.94
CA ASN A 273 -21.95 36.49 34.91
C ASN A 273 -21.46 36.99 36.26
N LYS A 274 -20.69 36.19 37.00
CA LYS A 274 -20.15 36.62 38.32
C LYS A 274 -19.74 38.10 38.25
N MET A 275 -19.11 38.52 37.15
CA MET A 275 -18.49 39.85 36.97
C MET A 275 -19.55 40.94 36.72
N VAL A 276 -20.73 40.59 36.19
CA VAL A 276 -21.89 41.51 36.02
C VAL A 276 -22.59 41.68 37.37
N ASN A 277 -22.88 40.56 38.03
CA ASN A 277 -23.47 40.44 39.38
C ASN A 277 -22.49 40.88 40.48
N LEU A 278 -21.39 41.52 40.11
CA LEU A 278 -20.50 42.17 41.10
C LEU A 278 -20.55 43.67 40.84
N LYS A 279 -20.33 44.08 39.60
CA LYS A 279 -20.66 45.44 39.11
C LYS A 279 -21.98 45.86 39.82
N GLU A 280 -23.04 45.06 39.73
CA GLU A 280 -24.31 45.37 40.43
C GLU A 280 -24.08 45.33 41.95
N LYS A 281 -23.82 44.18 42.57
CA LYS A 281 -23.64 44.13 44.04
C LYS A 281 -22.65 45.23 44.53
N ILE A 282 -21.78 45.79 43.68
CA ILE A 282 -20.79 46.86 44.03
C ILE A 282 -21.44 48.24 43.86
N LYS A 283 -22.24 48.45 42.81
CA LYS A 283 -23.05 49.69 42.65
C LYS A 283 -23.82 49.96 43.95
N GLU A 284 -24.78 49.10 44.33
CA GLU A 284 -25.41 49.06 45.68
C GLU A 284 -24.40 49.53 46.73
N LEU A 285 -23.39 48.73 47.09
CA LEU A 285 -22.45 49.09 48.21
C LEU A 285 -22.00 50.54 48.12
N HIS A 286 -21.66 51.05 46.93
CA HIS A 286 -21.09 52.41 46.72
C HIS A 286 -22.16 53.48 46.99
N GLN A 287 -23.37 53.32 46.46
CA GLN A 287 -24.57 54.05 46.96
C GLN A 287 -24.52 53.96 48.50
N GLN A 288 -25.00 52.85 49.07
CA GLN A 288 -25.07 52.64 50.54
C GLN A 288 -23.95 53.37 51.28
N TYR A 289 -22.74 53.52 50.71
CA TYR A 289 -21.55 54.16 51.34
C TYR A 289 -21.62 55.69 51.21
N LYS A 290 -21.72 56.25 49.99
CA LYS A 290 -22.08 57.69 49.79
C LYS A 290 -23.13 58.10 50.83
N GLU A 291 -24.30 57.46 50.84
CA GLU A 291 -25.38 57.65 51.85
C GLU A 291 -24.82 57.64 53.29
N ALA A 292 -24.32 56.53 53.80
CA ALA A 292 -23.80 56.50 55.19
C ALA A 292 -22.81 57.65 55.43
N SER A 293 -22.07 58.10 54.40
CA SER A 293 -21.01 59.16 54.46
C SER A 293 -21.61 60.58 54.45
N GLU A 294 -22.88 60.76 54.08
CA GLU A 294 -23.63 62.04 54.30
C GLU A 294 -23.54 62.35 55.79
N VAL A 295 -24.17 61.50 56.63
CA VAL A 295 -24.18 61.61 58.12
C VAL A 295 -22.76 62.02 58.56
N LYS A 296 -22.52 63.32 58.87
CA LYS A 296 -21.18 63.97 58.84
C LYS A 296 -20.47 64.03 60.20
N PRO A 297 -19.10 64.08 60.14
CA PRO A 297 -18.20 63.48 61.11
C PRO A 297 -18.48 63.52 62.61
N PRO A 298 -18.95 64.61 63.24
CA PRO A 298 -19.35 64.49 64.65
C PRO A 298 -20.54 63.50 64.65
N ARG A 299 -20.26 62.18 64.66
CA ARG A 299 -21.25 61.07 64.57
C ARG A 299 -20.98 59.99 65.63
N ASP A 300 -22.00 59.22 65.97
CA ASP A 300 -21.90 58.16 67.00
C ASP A 300 -21.20 56.97 66.36
N ILE A 301 -20.79 55.99 67.16
CA ILE A 301 -19.93 54.89 66.69
C ILE A 301 -20.74 53.87 65.86
N THR A 302 -22.05 53.69 66.06
CA THR A 302 -22.83 52.74 65.20
C THR A 302 -22.88 53.27 63.75
N ALA A 303 -22.66 54.56 63.51
CA ALA A 303 -22.69 55.09 62.13
C ALA A 303 -21.27 55.30 61.62
N GLU A 304 -20.26 55.45 62.49
CA GLU A 304 -18.85 55.45 62.00
C GLU A 304 -18.57 54.03 61.51
N PHE A 305 -19.07 53.03 62.23
CA PHE A 305 -18.99 51.60 61.84
C PHE A 305 -19.67 51.44 60.47
N LEU A 306 -20.91 51.88 60.35
CA LEU A 306 -21.68 51.65 59.09
C LEU A 306 -20.92 52.24 57.88
N VAL A 307 -20.32 53.42 57.99
CA VAL A 307 -19.35 53.96 57.01
C VAL A 307 -18.23 52.91 56.84
N LYS A 308 -17.43 52.67 57.88
CA LYS A 308 -16.18 51.86 57.80
C LYS A 308 -16.51 50.45 57.28
N SER A 309 -17.36 49.68 57.96
CA SER A 309 -17.95 48.42 57.45
C SER A 309 -18.06 48.49 55.91
N LYS A 310 -18.87 49.39 55.35
CA LYS A 310 -19.11 49.51 53.89
C LYS A 310 -17.79 49.65 53.14
N HIS A 311 -16.93 50.54 53.63
CA HIS A 311 -15.64 50.88 52.98
C HIS A 311 -14.77 49.63 52.86
N ARG A 312 -14.70 48.80 53.91
CA ARG A 312 -14.08 47.45 53.90
C ARG A 312 -14.81 46.62 52.83
N ASP A 313 -16.06 46.23 53.10
CA ASP A 313 -16.91 45.40 52.22
C ASP A 313 -16.75 45.82 50.74
N LEU A 314 -16.39 47.07 50.45
CA LEU A 314 -16.37 47.59 49.06
C LEU A 314 -14.97 47.42 48.43
N THR A 315 -13.87 47.63 49.16
CA THR A 315 -12.48 47.35 48.66
C THR A 315 -12.24 45.83 48.65
N ALA A 316 -12.94 45.05 49.48
CA ALA A 316 -13.05 43.58 49.31
C ALA A 316 -13.59 43.26 47.90
N LEU A 317 -14.86 43.59 47.63
CA LEU A 317 -15.54 43.21 46.36
C LEU A 317 -14.84 43.88 45.17
N CYS A 318 -14.07 44.94 45.36
CA CYS A 318 -13.35 45.60 44.24
C CYS A 318 -12.11 44.77 43.87
N LYS A 319 -11.40 44.22 44.86
CA LYS A 319 -10.25 43.30 44.62
C LYS A 319 -10.80 42.06 43.91
N GLU A 320 -11.69 41.30 44.58
CA GLU A 320 -12.46 40.15 44.06
C GLU A 320 -12.81 40.29 42.56
N TYR A 321 -13.24 41.48 42.10
CA TYR A 321 -13.69 41.73 40.69
C TYR A 321 -12.45 41.87 39.82
N ASP A 322 -11.40 42.50 40.33
CA ASP A 322 -10.11 42.67 39.58
C ASP A 322 -9.44 41.30 39.40
N GLU A 323 -9.61 40.41 40.37
CA GLU A 323 -9.13 39.01 40.38
C GLU A 323 -9.87 38.26 39.23
N LEU A 324 -11.20 38.33 39.19
CA LEU A 324 -12.05 37.85 38.05
C LEU A 324 -11.77 38.58 36.71
N ALA A 325 -10.90 39.57 36.64
CA ALA A 325 -10.78 40.44 35.45
C ALA A 325 -9.49 40.11 34.70
N GLU A 326 -8.48 39.61 35.41
CA GLU A 326 -7.30 38.96 34.79
C GLU A 326 -7.75 37.56 34.32
N THR A 327 -8.44 36.77 35.16
CA THR A 327 -9.08 35.50 34.73
C THR A 327 -9.85 35.72 33.40
N GLN A 328 -10.59 36.81 33.26
CA GLN A 328 -11.32 37.15 32.01
C GLN A 328 -10.34 37.18 30.83
N GLY A 329 -9.13 37.69 31.07
CA GLY A 329 -8.15 38.04 30.01
C GLY A 329 -7.41 36.83 29.49
N LYS A 330 -6.98 35.95 30.41
CA LYS A 330 -6.43 34.59 30.14
C LYS A 330 -7.40 33.85 29.21
N LEU A 331 -8.58 33.52 29.74
CA LEU A 331 -9.65 32.77 29.01
C LEU A 331 -9.95 33.42 27.66
N GLU A 332 -9.49 34.63 27.38
CA GLU A 332 -9.92 35.41 26.19
C GLU A 332 -8.86 35.33 25.10
N GLU A 333 -7.59 35.22 25.50
CA GLU A 333 -6.48 34.98 24.55
C GLU A 333 -6.40 33.46 24.34
N LYS A 334 -6.47 32.65 25.41
CA LYS A 334 -6.58 31.16 25.31
C LYS A 334 -7.53 30.80 24.15
N LEU A 335 -8.63 31.51 24.04
CA LEU A 335 -9.70 31.31 23.04
C LEU A 335 -9.27 31.88 21.68
N GLN A 336 -8.48 32.96 21.67
CA GLN A 336 -8.15 33.70 20.44
C GLN A 336 -7.04 32.90 19.71
N GLU A 337 -6.24 32.17 20.49
CA GLU A 337 -5.29 31.13 20.03
C GLU A 337 -6.08 30.03 19.30
N LEU A 338 -6.85 29.21 20.05
CA LEU A 338 -7.65 28.07 19.49
C LEU A 338 -8.42 28.54 18.25
N GLU A 339 -8.90 29.79 18.22
CA GLU A 339 -9.72 30.28 17.09
C GLU A 339 -8.80 30.42 15.86
N ALA A 340 -7.47 30.35 16.03
CA ALA A 340 -6.46 30.40 14.94
C ALA A 340 -5.49 29.18 14.97
N ASN A 341 -5.92 28.02 15.46
CA ASN A 341 -5.29 26.68 15.28
C ASN A 341 -6.31 25.69 14.73
N PRO A 342 -7.01 26.01 13.60
CA PRO A 342 -7.98 25.08 13.02
C PRO A 342 -7.16 23.84 12.68
N PRO A 343 -7.60 22.59 13.00
CA PRO A 343 -6.94 21.39 12.50
C PRO A 343 -7.25 21.25 11.01
N SER A 344 -6.59 20.31 10.33
CA SER A 344 -6.76 20.10 8.88
C SER A 344 -8.27 20.14 8.54
N ASP A 345 -8.58 20.88 7.50
CA ASP A 345 -9.97 21.01 6.99
C ASP A 345 -10.45 19.65 6.46
N VAL A 346 -9.60 18.98 5.64
CA VAL A 346 -9.90 17.76 4.81
C VAL A 346 -8.81 16.70 5.04
N TYR A 347 -9.07 15.43 4.68
CA TYR A 347 -8.02 14.37 4.65
C TYR A 347 -7.12 14.57 3.43
N LEU A 348 -7.72 14.64 2.24
CA LEU A 348 -6.99 14.93 0.97
C LEU A 348 -7.87 15.81 0.12
N SER A 349 -7.27 16.77 -0.59
CA SER A 349 -7.95 17.71 -1.51
C SER A 349 -8.80 16.92 -2.51
N SER A 350 -8.94 17.41 -3.74
CA SER A 350 -9.54 16.68 -4.89
C SER A 350 -8.38 16.40 -5.84
N ARG A 351 -7.62 17.46 -6.17
CA ARG A 351 -6.31 17.43 -6.85
C ARG A 351 -5.40 16.40 -6.18
N ASP A 352 -5.55 16.23 -4.87
CA ASP A 352 -4.78 15.22 -4.09
C ASP A 352 -5.29 13.82 -4.43
N ARG A 353 -6.56 13.52 -4.12
CA ARG A 353 -7.17 12.16 -4.29
C ARG A 353 -7.06 11.72 -5.74
N GLN A 354 -6.77 12.66 -6.65
CA GLN A 354 -6.59 12.48 -8.12
C GLN A 354 -5.17 12.02 -8.43
N ILE A 355 -4.19 12.56 -7.70
CA ILE A 355 -2.75 12.16 -7.72
C ILE A 355 -2.62 10.83 -6.96
N LEU A 356 -3.36 10.65 -5.86
CA LEU A 356 -3.44 9.33 -5.19
C LEU A 356 -3.95 8.29 -6.19
N ASP A 357 -5.00 8.63 -6.92
CA ASP A 357 -5.60 7.78 -7.96
C ASP A 357 -4.54 7.38 -8.98
N TRP A 358 -3.58 8.24 -9.28
CA TRP A 358 -2.47 7.88 -10.20
C TRP A 358 -1.55 6.88 -9.51
N HIS A 359 -1.24 7.08 -8.23
CA HIS A 359 -0.33 6.15 -7.50
C HIS A 359 -0.96 4.75 -7.46
N PHE A 360 -2.30 4.70 -7.41
CA PHE A 360 -3.11 3.46 -7.49
C PHE A 360 -3.10 2.86 -8.91
N ALA A 361 -3.27 3.69 -9.93
CA ALA A 361 -3.06 3.26 -11.32
C ALA A 361 -1.68 2.60 -11.43
N ASN A 362 -0.62 3.16 -10.87
CA ASN A 362 0.74 2.55 -10.99
C ASN A 362 0.71 1.13 -10.41
N LEU A 363 -0.05 0.91 -9.33
CA LEU A 363 -0.25 -0.40 -8.67
C LEU A 363 -1.10 -1.32 -9.58
N GLU A 364 -2.16 -0.77 -10.18
CA GLU A 364 -3.04 -1.53 -11.11
C GLU A 364 -2.20 -1.92 -12.33
N PHE A 365 -1.10 -1.22 -12.56
CA PHE A 365 -0.27 -1.44 -13.76
C PHE A 365 0.58 -2.68 -13.52
N ALA A 366 1.45 -2.62 -12.52
CA ALA A 366 2.32 -3.75 -12.14
C ALA A 366 1.48 -5.03 -11.99
N ASN A 367 0.39 -4.97 -11.22
CA ASN A 367 -0.38 -6.18 -10.88
C ASN A 367 -1.34 -6.49 -12.03
N ALA A 368 -1.35 -5.65 -13.07
CA ALA A 368 -2.24 -5.81 -14.25
C ALA A 368 -3.67 -6.21 -13.86
N THR A 369 -4.26 -5.61 -12.81
CA THR A 369 -5.70 -5.78 -12.51
C THR A 369 -6.19 -4.61 -11.64
N PRO A 370 -7.49 -4.30 -11.72
CA PRO A 370 -8.14 -3.50 -10.70
C PRO A 370 -7.88 -4.02 -9.29
N LEU A 371 -7.49 -3.11 -8.38
CA LEU A 371 -7.31 -3.42 -6.94
C LEU A 371 -8.65 -3.95 -6.34
N SER A 372 -9.79 -3.79 -7.04
CA SER A 372 -11.11 -4.35 -6.64
C SER A 372 -10.94 -5.84 -6.46
N THR A 373 -9.97 -6.42 -7.21
CA THR A 373 -9.81 -7.86 -7.55
C THR A 373 -8.67 -8.52 -6.75
N LEU A 374 -7.61 -7.78 -6.39
CA LEU A 374 -6.42 -8.33 -5.69
C LEU A 374 -6.83 -8.85 -4.31
N SER A 375 -6.38 -10.04 -3.92
CA SER A 375 -6.47 -10.55 -2.54
C SER A 375 -5.88 -9.50 -1.61
N LEU A 376 -6.63 -9.03 -0.61
CA LEU A 376 -6.01 -8.20 0.44
C LEU A 376 -4.90 -9.05 1.08
N LYS A 377 -5.25 -10.25 1.52
CA LYS A 377 -4.32 -11.07 2.33
C LYS A 377 -3.12 -11.48 1.46
N HIS A 378 -3.23 -11.63 0.14
CA HIS A 378 -2.23 -12.43 -0.64
C HIS A 378 -1.73 -11.80 -1.95
N TRP A 379 -2.19 -10.62 -2.33
CA TRP A 379 -1.80 -10.02 -3.64
C TRP A 379 -0.28 -10.00 -3.76
N ASP A 380 0.41 -9.79 -2.67
CA ASP A 380 1.87 -9.55 -2.69
C ASP A 380 2.61 -10.79 -2.18
N GLN A 381 2.04 -12.01 -2.21
CA GLN A 381 2.74 -13.22 -1.67
C GLN A 381 4.12 -13.40 -2.35
N ASP A 382 4.31 -12.87 -3.56
CA ASP A 382 5.58 -13.17 -4.28
C ASP A 382 6.70 -12.23 -3.83
N ASP A 383 6.49 -11.39 -2.80
CA ASP A 383 7.27 -10.11 -2.62
C ASP A 383 8.66 -10.39 -2.04
N ASP A 384 8.77 -11.31 -1.08
CA ASP A 384 10.06 -11.72 -0.46
C ASP A 384 11.13 -12.08 -1.50
N PHE A 385 10.76 -12.38 -2.74
CA PHE A 385 11.64 -12.98 -3.77
C PHE A 385 11.91 -12.01 -4.92
N GLU A 386 11.63 -10.71 -4.76
CA GLU A 386 11.94 -9.70 -5.81
C GLU A 386 13.47 -9.77 -5.96
N PHE A 387 14.03 -9.59 -7.16
CA PHE A 387 15.51 -9.73 -7.27
C PHE A 387 16.16 -8.50 -6.64
N THR A 388 17.49 -8.51 -6.50
CA THR A 388 18.26 -7.29 -6.17
C THR A 388 18.82 -6.66 -7.46
N GLY A 389 19.10 -5.36 -7.45
CA GLY A 389 19.65 -4.69 -8.63
C GLY A 389 18.71 -3.67 -9.23
N SER A 390 19.29 -2.87 -10.13
CA SER A 390 18.58 -1.87 -10.95
C SER A 390 17.57 -2.66 -11.81
N HIS A 391 16.36 -2.15 -11.85
CA HIS A 391 15.31 -2.54 -12.81
C HIS A 391 15.75 -2.00 -14.17
N LEU A 392 15.75 -2.84 -15.22
CA LEU A 392 16.31 -2.49 -16.55
C LEU A 392 15.23 -2.61 -17.62
N THR A 393 15.52 -2.11 -18.80
CA THR A 393 14.67 -2.27 -20.00
C THR A 393 15.52 -2.90 -21.10
N VAL A 394 14.88 -3.55 -22.06
CA VAL A 394 15.57 -4.14 -23.24
C VAL A 394 15.43 -3.10 -24.35
N ARG A 395 16.56 -2.48 -24.69
CA ARG A 395 16.67 -1.40 -25.70
C ARG A 395 16.38 -1.96 -27.08
N ASN A 396 16.85 -3.20 -27.34
CA ASN A 396 16.93 -3.79 -28.70
C ASN A 396 15.69 -4.64 -28.96
N GLY A 397 14.80 -4.80 -27.98
CA GLY A 397 13.56 -5.60 -28.14
C GLY A 397 13.73 -6.97 -27.51
N TYR A 398 12.84 -7.34 -26.58
CA TYR A 398 12.89 -8.61 -25.82
C TYR A 398 12.79 -9.82 -26.77
N SER A 399 12.31 -9.63 -28.01
CA SER A 399 12.06 -10.72 -28.99
C SER A 399 13.36 -11.50 -29.18
N CYS A 400 14.50 -10.83 -29.07
CA CYS A 400 15.84 -11.44 -29.28
C CYS A 400 15.94 -12.77 -28.53
N VAL A 401 15.30 -12.89 -27.34
CA VAL A 401 15.44 -14.06 -26.40
C VAL A 401 14.63 -15.27 -26.88
N PRO A 402 13.30 -15.18 -27.08
CA PRO A 402 12.54 -16.28 -27.66
C PRO A 402 13.18 -16.79 -28.93
N VAL A 403 13.49 -15.86 -29.82
CA VAL A 403 14.06 -16.21 -31.13
C VAL A 403 15.36 -16.99 -30.89
N ALA A 404 16.23 -16.48 -30.03
CA ALA A 404 17.54 -17.11 -29.77
C ALA A 404 17.31 -18.53 -29.25
N LEU A 405 16.28 -18.71 -28.40
CA LEU A 405 16.00 -20.00 -27.72
C LEU A 405 15.37 -20.98 -28.72
N ALA A 406 14.61 -20.44 -29.67
CA ALA A 406 13.85 -21.22 -30.67
C ALA A 406 14.80 -21.95 -31.62
N GLU A 407 15.95 -21.37 -31.96
CA GLU A 407 16.76 -21.95 -33.07
C GLU A 407 17.32 -23.24 -32.49
N GLY A 408 17.22 -24.30 -33.29
CA GLY A 408 17.59 -25.65 -32.87
C GLY A 408 16.39 -26.56 -32.81
N LEU A 409 15.19 -26.01 -32.64
CA LEU A 409 14.00 -26.71 -32.08
C LEU A 409 12.97 -26.95 -33.17
N ASP A 410 12.08 -27.93 -32.97
CA ASP A 410 11.03 -28.32 -33.96
C ASP A 410 9.75 -27.56 -33.60
N ILE A 411 9.58 -26.38 -34.19
CA ILE A 411 8.44 -25.51 -33.81
C ILE A 411 7.45 -25.50 -34.98
N LYS A 412 6.24 -25.99 -34.75
CA LYS A 412 5.17 -25.93 -35.77
C LYS A 412 4.38 -24.64 -35.50
N LEU A 413 4.57 -23.59 -36.30
CA LEU A 413 3.76 -22.34 -36.14
C LEU A 413 2.41 -22.54 -36.87
N ASN A 414 1.42 -21.71 -36.55
CA ASN A 414 0.06 -21.74 -37.17
C ASN A 414 -0.63 -23.09 -36.89
N THR A 415 -0.44 -23.58 -35.69
CA THR A 415 -0.86 -24.92 -35.22
C THR A 415 -1.53 -24.73 -33.88
N ALA A 416 -2.83 -24.56 -33.93
CA ALA A 416 -3.67 -24.30 -32.75
C ALA A 416 -4.16 -25.63 -32.17
N VAL A 417 -3.72 -25.96 -30.97
CA VAL A 417 -4.17 -27.20 -30.29
C VAL A 417 -5.65 -27.05 -29.94
N ARG A 418 -6.46 -28.03 -30.30
CA ARG A 418 -7.94 -27.95 -30.07
C ARG A 418 -8.29 -28.96 -28.98
N GLN A 419 -7.56 -30.09 -28.92
CA GLN A 419 -7.84 -31.19 -27.98
C GLN A 419 -6.54 -31.91 -27.56
N VAL A 420 -6.50 -32.27 -26.27
CA VAL A 420 -5.36 -32.97 -25.58
C VAL A 420 -5.95 -34.22 -24.95
N ARG A 421 -5.49 -35.38 -25.41
CA ARG A 421 -5.98 -36.72 -25.06
C ARG A 421 -4.81 -37.43 -24.39
N TYR A 422 -5.04 -37.88 -23.16
CA TYR A 422 -3.97 -38.45 -22.30
C TYR A 422 -4.56 -39.71 -21.68
N THR A 423 -3.83 -40.80 -21.84
CA THR A 423 -4.29 -42.12 -21.36
C THR A 423 -3.09 -42.87 -20.81
N ALA A 424 -3.38 -43.93 -20.08
CA ALA A 424 -2.34 -44.78 -19.47
C ALA A 424 -1.25 -45.12 -20.51
N SER A 425 -1.62 -45.28 -21.79
CA SER A 425 -0.81 -45.80 -22.93
C SER A 425 0.10 -44.71 -23.47
N GLY A 426 -0.38 -43.45 -23.36
CA GLY A 426 0.21 -42.24 -23.99
C GLY A 426 -0.82 -41.14 -24.30
N CYS A 427 -0.42 -40.18 -25.14
CA CYS A 427 -1.19 -38.94 -25.37
C CYS A 427 -1.34 -38.71 -26.86
N GLU A 428 -2.48 -38.13 -27.30
CA GLU A 428 -2.52 -37.49 -28.62
C GLU A 428 -3.07 -36.07 -28.46
N VAL A 429 -2.39 -35.18 -29.17
CA VAL A 429 -2.75 -33.76 -29.25
C VAL A 429 -3.39 -33.63 -30.61
N ILE A 430 -4.63 -33.15 -30.68
CA ILE A 430 -5.27 -32.78 -31.97
C ILE A 430 -5.23 -31.26 -32.13
N ALA A 431 -4.60 -30.81 -33.22
CA ALA A 431 -4.35 -29.41 -33.58
C ALA A 431 -4.87 -29.13 -34.99
N VAL A 432 -4.93 -27.87 -35.39
CA VAL A 432 -5.26 -27.48 -36.79
C VAL A 432 -4.40 -26.31 -37.26
N ASN A 433 -4.46 -26.08 -38.57
CA ASN A 433 -3.88 -24.89 -39.26
C ASN A 433 -4.75 -23.68 -38.96
N THR A 434 -4.14 -22.56 -38.57
CA THR A 434 -4.89 -21.32 -38.22
C THR A 434 -5.33 -20.62 -39.51
N ARG A 435 -4.70 -20.96 -40.65
CA ARG A 435 -4.91 -20.34 -41.98
C ARG A 435 -5.93 -21.15 -42.83
N SER A 436 -6.13 -22.44 -42.54
CA SER A 436 -7.41 -23.17 -42.82
C SER A 436 -7.72 -24.09 -41.64
N THR A 437 -8.49 -23.55 -40.66
CA THR A 437 -9.30 -24.30 -39.65
C THR A 437 -9.46 -25.78 -40.08
N SER A 438 -9.87 -26.07 -41.32
CA SER A 438 -10.32 -27.41 -41.81
C SER A 438 -9.21 -28.45 -41.74
N GLN A 439 -7.96 -28.11 -42.12
CA GLN A 439 -6.79 -29.02 -42.17
C GLN A 439 -6.36 -29.44 -40.74
N THR A 440 -6.33 -30.74 -40.45
CA THR A 440 -6.18 -31.29 -39.07
C THR A 440 -4.86 -32.04 -38.90
N PHE A 441 -4.31 -32.03 -37.69
CA PHE A 441 -3.03 -32.67 -37.27
C PHE A 441 -3.20 -33.47 -35.96
N ILE A 442 -2.51 -34.59 -35.90
CA ILE A 442 -2.60 -35.54 -34.75
C ILE A 442 -1.17 -35.84 -34.34
N TYR A 443 -0.74 -35.36 -33.18
CA TYR A 443 0.62 -35.61 -32.67
C TYR A 443 0.43 -36.64 -31.58
N LYS A 444 1.13 -37.78 -31.71
CA LYS A 444 1.12 -38.86 -30.70
C LYS A 444 2.42 -38.73 -29.93
N CYS A 445 2.37 -38.78 -28.60
CA CYS A 445 3.54 -38.56 -27.71
C CYS A 445 3.40 -39.27 -26.34
N ASP A 446 4.56 -39.55 -25.72
CA ASP A 446 4.67 -40.10 -24.34
C ASP A 446 4.11 -39.12 -23.29
N ALA A 447 4.27 -37.82 -23.52
CA ALA A 447 3.90 -36.77 -22.56
C ALA A 447 3.70 -35.43 -23.28
N VAL A 448 2.75 -34.68 -22.73
CA VAL A 448 2.35 -33.30 -23.15
C VAL A 448 2.69 -32.32 -22.01
N LEU A 449 3.51 -31.32 -22.36
CA LEU A 449 3.77 -30.12 -21.55
C LEU A 449 2.89 -28.99 -22.08
N CYS A 450 1.87 -28.65 -21.30
CA CYS A 450 0.90 -27.55 -21.54
C CYS A 450 1.45 -26.22 -21.00
N THR A 451 1.84 -25.30 -21.87
CA THR A 451 2.21 -23.92 -21.47
C THR A 451 1.15 -22.92 -21.92
N LEU A 452 -0.07 -23.38 -22.15
CA LEU A 452 -1.24 -22.53 -22.46
C LEU A 452 -1.34 -21.53 -21.33
N PRO A 453 -1.43 -20.23 -21.67
CA PRO A 453 -1.79 -19.18 -20.73
C PRO A 453 -3.03 -19.48 -19.90
N LEU A 454 -3.06 -18.91 -18.70
CA LEU A 454 -4.18 -19.10 -17.78
C LEU A 454 -5.44 -18.51 -18.41
N GLY A 455 -5.28 -17.41 -19.17
CA GLY A 455 -6.38 -16.83 -19.97
C GLY A 455 -7.09 -17.89 -20.80
N VAL A 456 -6.30 -18.67 -21.52
CA VAL A 456 -6.79 -19.71 -22.45
C VAL A 456 -7.38 -20.86 -21.64
N LEU A 457 -6.73 -21.27 -20.55
CA LEU A 457 -7.23 -22.41 -19.73
C LEU A 457 -8.58 -21.98 -19.16
N LYS A 458 -8.83 -20.69 -19.08
CA LYS A 458 -10.03 -20.20 -18.38
C LYS A 458 -11.19 -20.03 -19.35
N GLN A 459 -10.96 -19.92 -20.68
CA GLN A 459 -11.99 -19.64 -21.74
C GLN A 459 -13.26 -20.42 -21.42
N GLN A 460 -14.40 -19.69 -21.32
CA GLN A 460 -15.60 -20.09 -20.54
C GLN A 460 -16.18 -21.30 -21.24
N PRO A 461 -16.48 -21.26 -22.59
CA PRO A 461 -16.54 -22.42 -23.50
C PRO A 461 -15.12 -22.63 -24.03
N PRO A 462 -14.53 -23.80 -23.76
CA PRO A 462 -13.08 -24.02 -23.91
C PRO A 462 -12.46 -23.73 -25.28
N ALA A 463 -11.26 -23.13 -25.39
CA ALA A 463 -10.50 -23.16 -26.66
C ALA A 463 -9.91 -24.57 -26.88
N VAL A 464 -9.66 -25.29 -25.79
CA VAL A 464 -8.94 -26.59 -25.76
C VAL A 464 -9.66 -27.54 -24.81
N GLN A 465 -10.03 -28.71 -25.34
CA GLN A 465 -10.65 -29.80 -24.55
C GLN A 465 -9.54 -30.73 -24.07
N PHE A 466 -9.63 -31.11 -22.79
CA PHE A 466 -8.81 -32.18 -22.19
C PHE A 466 -9.68 -33.43 -22.12
N VAL A 467 -9.12 -34.53 -22.65
CA VAL A 467 -9.84 -35.82 -22.78
C VAL A 467 -8.94 -36.89 -22.18
N PRO A 468 -9.24 -37.32 -20.92
CA PRO A 468 -10.40 -36.83 -20.16
C PRO A 468 -10.26 -35.45 -19.51
N PRO A 469 -11.34 -34.94 -18.92
CA PRO A 469 -11.36 -33.59 -18.39
C PRO A 469 -10.40 -33.44 -17.23
N LEU A 470 -9.84 -32.25 -17.10
CA LEU A 470 -8.96 -31.95 -15.96
C LEU A 470 -9.82 -32.14 -14.72
N PRO A 471 -9.24 -32.72 -13.65
CA PRO A 471 -9.94 -32.91 -12.39
C PRO A 471 -10.42 -31.62 -11.76
N GLU A 472 -11.52 -31.70 -11.01
CA GLU A 472 -12.05 -30.65 -10.12
C GLU A 472 -10.90 -29.79 -9.61
N TRP A 473 -9.94 -30.40 -8.93
CA TRP A 473 -8.97 -29.66 -8.13
C TRP A 473 -8.18 -28.68 -8.99
N LYS A 474 -7.88 -29.10 -10.21
CA LYS A 474 -7.13 -28.30 -11.20
C LYS A 474 -8.01 -27.16 -11.74
N THR A 475 -9.23 -27.47 -12.16
CA THR A 475 -10.11 -26.49 -12.85
C THR A 475 -10.54 -25.39 -11.86
N SER A 476 -10.83 -25.79 -10.62
CA SER A 476 -11.07 -24.90 -9.45
C SER A 476 -9.92 -23.93 -9.24
N ALA A 477 -8.67 -24.37 -9.27
CA ALA A 477 -7.53 -23.44 -9.17
C ALA A 477 -7.56 -22.52 -10.40
N VAL A 478 -7.78 -23.06 -11.58
CA VAL A 478 -7.84 -22.22 -12.81
C VAL A 478 -8.94 -21.16 -12.62
N GLN A 479 -10.14 -21.56 -12.15
CA GLN A 479 -11.27 -20.62 -11.93
C GLN A 479 -10.76 -19.59 -10.89
N ARG A 480 -10.36 -20.01 -9.70
CA ARG A 480 -9.93 -19.11 -8.61
C ARG A 480 -8.91 -18.07 -9.07
N MET A 481 -7.83 -18.42 -9.75
CA MET A 481 -6.79 -17.35 -9.79
C MET A 481 -7.08 -16.41 -10.94
N GLY A 482 -6.61 -15.19 -10.77
CA GLY A 482 -6.95 -14.06 -11.62
C GLY A 482 -6.01 -14.00 -12.79
N PHE A 483 -6.52 -13.56 -13.92
CA PHE A 483 -5.70 -13.31 -15.11
C PHE A 483 -6.07 -11.91 -15.52
N GLY A 484 -5.10 -11.03 -15.45
CA GLY A 484 -5.31 -9.58 -15.58
C GLY A 484 -5.08 -9.15 -17.02
N ASN A 485 -4.81 -7.86 -17.18
CA ASN A 485 -4.80 -7.13 -18.47
C ASN A 485 -4.06 -5.82 -18.21
N LEU A 486 -3.38 -5.38 -19.26
CA LEU A 486 -2.46 -4.24 -19.30
C LEU A 486 -2.11 -4.11 -20.77
N ASN A 487 -2.37 -2.96 -21.37
CA ASN A 487 -2.24 -2.72 -22.82
C ASN A 487 -1.30 -1.55 -23.02
N LYS A 488 -0.75 -1.40 -24.23
CA LYS A 488 0.20 -0.31 -24.57
C LYS A 488 -0.20 0.36 -25.87
N VAL A 489 0.14 1.65 -26.01
CA VAL A 489 0.09 2.39 -27.31
C VAL A 489 1.52 2.74 -27.72
N VAL A 490 1.94 2.33 -28.91
CA VAL A 490 3.30 2.63 -29.41
C VAL A 490 3.24 3.86 -30.31
N LEU A 491 3.90 4.94 -29.88
CA LEU A 491 3.89 6.25 -30.59
C LEU A 491 5.29 6.47 -31.17
N CYS A 492 5.35 6.35 -32.51
CA CYS A 492 6.56 6.49 -33.38
C CYS A 492 6.56 7.87 -34.05
N PHE A 493 7.67 8.61 -33.96
CA PHE A 493 7.74 10.03 -34.40
C PHE A 493 9.04 10.26 -35.17
N ASP A 494 9.14 11.40 -35.89
CA ASP A 494 10.33 11.80 -36.69
C ASP A 494 11.38 12.45 -35.79
N ARG A 495 11.00 12.92 -34.58
CA ARG A 495 11.82 13.83 -33.73
C ARG A 495 11.52 13.68 -32.23
N VAL A 496 12.57 13.79 -31.41
CA VAL A 496 12.60 13.49 -29.95
C VAL A 496 12.02 14.68 -29.16
N PHE A 497 10.71 14.96 -29.27
CA PHE A 497 10.09 16.17 -28.64
C PHE A 497 9.92 16.11 -27.11
N TRP A 498 10.19 15.02 -26.40
CA TRP A 498 10.04 14.98 -24.93
C TRP A 498 11.38 15.42 -24.33
N ASP A 499 11.50 15.43 -22.99
CA ASP A 499 12.77 15.66 -22.27
C ASP A 499 13.58 14.37 -22.31
N PRO A 500 14.67 14.29 -23.10
CA PRO A 500 15.47 13.07 -23.16
C PRO A 500 16.28 12.70 -21.92
N SER A 501 16.41 13.56 -20.91
CA SER A 501 17.05 13.16 -19.63
C SER A 501 16.08 12.25 -18.83
N VAL A 502 14.82 12.17 -19.29
CA VAL A 502 13.67 11.59 -18.55
C VAL A 502 13.14 10.32 -19.24
N ASN A 503 13.10 9.22 -18.47
CA ASN A 503 12.77 7.84 -18.90
C ASN A 503 11.24 7.68 -18.99
N LEU A 504 10.54 8.26 -18.02
CA LEU A 504 9.08 8.09 -17.87
C LEU A 504 8.44 9.22 -17.03
N PHE A 505 7.21 9.57 -17.42
CA PHE A 505 6.41 10.70 -16.90
C PHE A 505 4.92 10.36 -16.94
N GLY A 506 4.19 10.74 -15.89
CA GLY A 506 2.78 10.36 -15.66
C GLY A 506 1.84 11.40 -16.24
N HIS A 507 0.60 11.01 -16.49
CA HIS A 507 -0.55 11.92 -16.75
C HIS A 507 -1.59 11.60 -15.68
N VAL A 508 -2.10 12.60 -14.97
CA VAL A 508 -3.11 12.33 -13.91
C VAL A 508 -4.49 12.48 -14.54
N GLY A 509 -5.32 11.45 -14.43
CA GLY A 509 -6.67 11.46 -15.01
C GLY A 509 -7.58 12.32 -14.17
N SER A 510 -8.64 12.87 -14.77
CA SER A 510 -9.76 13.59 -14.11
C SER A 510 -10.35 12.72 -13.00
N THR A 511 -10.99 11.60 -13.36
CA THR A 511 -11.73 10.74 -12.41
C THR A 511 -10.87 9.58 -11.93
N THR A 512 -11.31 8.95 -10.82
CA THR A 512 -10.97 7.59 -10.31
C THR A 512 -11.15 6.55 -11.43
N ALA A 513 -12.34 6.55 -12.00
CA ALA A 513 -12.82 5.55 -12.98
C ALA A 513 -11.92 5.50 -14.19
N SER A 514 -10.97 6.41 -14.34
CA SER A 514 -10.16 6.56 -15.58
C SER A 514 -8.67 6.72 -15.22
N ARG A 515 -8.29 6.35 -13.99
CA ARG A 515 -6.89 6.52 -13.53
C ARG A 515 -5.98 5.67 -14.43
N GLY A 516 -6.50 4.64 -15.09
CA GLY A 516 -5.66 3.77 -15.94
C GLY A 516 -5.28 4.42 -17.27
N GLU A 517 -6.11 5.33 -17.78
CA GLU A 517 -6.15 5.72 -19.20
C GLU A 517 -4.89 6.49 -19.59
N LEU A 518 -3.98 5.89 -20.35
CA LEU A 518 -2.74 6.57 -20.77
C LEU A 518 -2.18 7.34 -19.57
N PHE A 519 -2.03 6.64 -18.45
CA PHE A 519 -1.63 7.18 -17.13
C PHE A 519 -0.10 7.33 -17.03
N LEU A 520 0.68 6.89 -18.03
CA LEU A 520 2.17 6.81 -17.85
C LEU A 520 2.85 6.57 -19.20
N PHE A 521 3.90 7.36 -19.51
CA PHE A 521 4.60 7.36 -20.82
C PHE A 521 6.07 6.97 -20.65
N TRP A 522 6.58 6.02 -21.45
CA TRP A 522 7.98 5.58 -21.34
C TRP A 522 8.71 5.99 -22.62
N ASN A 523 9.91 6.52 -22.40
CA ASN A 523 10.98 6.75 -23.42
C ASN A 523 12.08 5.75 -23.09
N LEU A 524 12.26 4.74 -23.95
CA LEU A 524 13.06 3.52 -23.67
C LEU A 524 14.18 3.27 -24.69
N TYR A 525 13.94 3.74 -25.91
CA TYR A 525 14.40 3.15 -27.18
C TYR A 525 15.36 4.13 -27.89
N LYS A 526 16.10 3.65 -28.89
CA LYS A 526 17.01 4.46 -29.75
C LYS A 526 16.17 5.47 -30.53
N ALA A 527 15.18 4.97 -31.26
CA ALA A 527 14.26 5.78 -32.08
C ALA A 527 13.46 6.75 -31.21
N PRO A 528 12.87 7.78 -31.81
CA PRO A 528 11.89 8.60 -31.13
C PRO A 528 10.59 7.79 -30.93
N ILE A 529 10.54 6.99 -29.85
CA ILE A 529 9.28 6.26 -29.47
C ILE A 529 8.87 6.55 -28.01
N LEU A 530 7.57 6.80 -27.84
CA LEU A 530 6.92 6.92 -26.51
C LEU A 530 5.94 5.76 -26.33
N LEU A 531 6.02 5.06 -25.20
CA LEU A 531 5.02 4.01 -24.84
C LEU A 531 4.00 4.61 -23.90
N ALA A 532 2.72 4.41 -24.16
CA ALA A 532 1.62 4.84 -23.29
C ALA A 532 0.91 3.62 -22.71
N LEU A 533 0.93 3.45 -21.39
CA LEU A 533 0.31 2.28 -20.74
C LEU A 533 -1.17 2.55 -20.45
N VAL A 534 -2.04 1.63 -20.77
CA VAL A 534 -3.44 1.63 -20.24
C VAL A 534 -3.55 0.57 -19.12
N ALA A 535 -3.84 0.95 -17.88
CA ALA A 535 -3.92 -0.05 -16.78
C ALA A 535 -5.31 0.00 -16.14
N GLY A 536 -5.56 -0.87 -15.18
CA GLY A 536 -6.79 -0.93 -14.37
C GLY A 536 -8.01 -1.25 -15.19
N GLU A 537 -9.13 -0.69 -14.76
CA GLU A 537 -10.43 -0.90 -15.43
C GLU A 537 -10.29 -0.36 -16.86
N ALA A 538 -9.43 0.63 -17.07
CA ALA A 538 -9.24 1.26 -18.39
C ALA A 538 -8.81 0.21 -19.41
N ALA A 539 -7.85 -0.64 -19.03
CA ALA A 539 -7.13 -1.56 -19.95
C ALA A 539 -8.19 -2.29 -20.75
N GLY A 540 -9.17 -2.79 -20.00
CA GLY A 540 -10.27 -3.63 -20.48
C GLY A 540 -11.19 -2.86 -21.40
N ILE A 541 -11.53 -1.63 -21.08
CA ILE A 541 -12.50 -0.84 -21.87
C ILE A 541 -11.88 -0.39 -23.20
N MET A 542 -10.71 0.23 -23.16
CA MET A 542 -10.02 0.83 -24.34
C MET A 542 -9.87 -0.21 -25.47
N GLU A 543 -9.85 -1.51 -25.15
CA GLU A 543 -9.70 -2.60 -26.15
C GLU A 543 -10.86 -2.55 -27.14
N ASN A 544 -11.97 -1.93 -26.71
CA ASN A 544 -13.26 -1.88 -27.44
C ASN A 544 -13.48 -0.42 -27.95
N ILE A 545 -12.40 0.29 -28.26
CA ILE A 545 -12.35 1.74 -28.61
C ILE A 545 -11.38 1.84 -29.77
N SER A 546 -11.75 2.56 -30.84
CA SER A 546 -11.04 2.47 -32.14
C SER A 546 -9.57 2.86 -31.91
N ASP A 547 -8.67 2.34 -32.73
CA ASP A 547 -7.23 2.70 -32.66
C ASP A 547 -7.09 4.22 -32.69
N ASP A 548 -7.77 4.89 -33.63
CA ASP A 548 -7.66 6.35 -33.93
C ASP A 548 -8.00 7.15 -32.67
N VAL A 549 -9.19 6.92 -32.09
CA VAL A 549 -9.61 7.62 -30.84
C VAL A 549 -8.48 7.55 -29.80
N ILE A 550 -7.91 6.35 -29.60
CA ILE A 550 -6.90 6.08 -28.54
C ILE A 550 -5.68 6.96 -28.83
N VAL A 551 -5.22 6.93 -30.09
CA VAL A 551 -4.02 7.72 -30.50
C VAL A 551 -4.36 9.19 -30.35
N GLY A 552 -5.65 9.54 -30.55
CA GLY A 552 -6.24 10.85 -30.23
C GLY A 552 -5.90 11.25 -28.82
N ARG A 553 -6.55 10.60 -27.85
CA ARG A 553 -6.39 10.90 -26.40
C ARG A 553 -4.89 10.99 -26.06
N CYS A 554 -4.05 10.23 -26.75
CA CYS A 554 -2.57 10.21 -26.51
C CYS A 554 -2.00 11.57 -26.86
N LEU A 555 -2.40 12.07 -28.03
CA LEU A 555 -1.78 13.28 -28.62
C LEU A 555 -2.29 14.49 -27.85
N ALA A 556 -3.62 14.58 -27.65
CA ALA A 556 -4.29 15.45 -26.66
C ALA A 556 -3.38 15.56 -25.41
N ILE A 557 -3.26 14.47 -24.67
CA ILE A 557 -2.49 14.42 -23.39
C ILE A 557 -1.11 15.04 -23.64
N LEU A 558 -0.40 14.57 -24.66
CA LEU A 558 1.00 14.96 -24.97
C LEU A 558 1.13 16.45 -25.35
N LYS A 559 0.11 17.02 -26.01
CA LYS A 559 0.11 18.42 -26.52
C LYS A 559 -0.05 19.37 -25.32
N GLY A 560 -1.03 19.11 -24.45
CA GLY A 560 -1.19 19.78 -23.15
C GLY A 560 0.10 19.81 -22.32
N ILE A 561 0.92 18.75 -22.34
CA ILE A 561 2.11 18.63 -21.44
C ILE A 561 3.29 19.35 -22.12
N PHE A 562 3.37 19.38 -23.44
CA PHE A 562 4.66 19.64 -24.15
C PHE A 562 4.58 20.91 -25.04
N GLY A 563 3.36 21.35 -25.33
CA GLY A 563 3.12 22.48 -26.24
C GLY A 563 2.49 22.00 -27.52
N SER A 564 1.36 22.64 -27.89
CA SER A 564 0.32 22.16 -28.85
C SER A 564 0.86 22.01 -30.28
N SER A 565 2.18 22.08 -30.50
CA SER A 565 2.80 22.28 -31.83
C SER A 565 4.23 21.68 -31.87
N ALA A 566 4.77 21.29 -30.71
CA ALA A 566 5.98 20.43 -30.57
C ALA A 566 5.63 18.95 -30.85
N VAL A 567 4.34 18.59 -30.88
CA VAL A 567 3.82 17.19 -30.91
C VAL A 567 3.33 16.85 -32.32
N PRO A 568 4.20 16.32 -33.22
CA PRO A 568 3.82 15.93 -34.58
C PRO A 568 2.70 14.88 -34.67
N GLN A 569 2.17 14.65 -35.86
CA GLN A 569 1.43 13.39 -36.12
C GLN A 569 2.46 12.27 -36.19
N PRO A 570 2.05 11.05 -35.76
CA PRO A 570 2.98 9.93 -35.59
C PRO A 570 3.11 9.15 -36.91
N LYS A 571 4.33 8.69 -37.22
CA LYS A 571 4.69 7.93 -38.45
C LYS A 571 4.01 6.55 -38.41
N GLU A 572 4.04 5.89 -37.24
CA GLU A 572 3.52 4.52 -36.97
C GLU A 572 2.85 4.50 -35.60
N THR A 573 1.73 3.79 -35.49
CA THR A 573 1.11 3.45 -34.19
C THR A 573 0.74 1.97 -34.12
N VAL A 574 0.97 1.36 -32.95
CA VAL A 574 0.41 0.04 -32.53
C VAL A 574 -0.35 0.21 -31.21
N VAL A 575 -1.29 -0.71 -30.99
CA VAL A 575 -2.12 -0.75 -29.76
C VAL A 575 -2.38 -2.21 -29.34
N SER A 576 -1.81 -2.66 -28.23
CA SER A 576 -2.10 -4.00 -27.65
C SER A 576 -3.59 -4.12 -27.31
N ARG A 577 -4.16 -5.31 -27.53
CA ARG A 577 -5.49 -5.72 -26.99
C ARG A 577 -5.38 -7.17 -26.47
N TRP A 578 -4.67 -7.33 -25.36
CA TRP A 578 -4.24 -8.65 -24.86
C TRP A 578 -5.45 -9.45 -24.41
N ARG A 579 -6.53 -8.81 -23.98
CA ARG A 579 -7.63 -9.63 -23.43
C ARG A 579 -8.32 -10.22 -24.64
N ALA A 580 -8.31 -9.48 -25.74
CA ALA A 580 -9.06 -9.86 -26.95
C ALA A 580 -8.23 -10.85 -27.78
N ASP A 581 -6.90 -10.73 -27.73
CA ASP A 581 -5.94 -11.70 -28.30
C ASP A 581 -6.24 -13.09 -27.76
N PRO A 582 -6.65 -14.07 -28.60
CA PRO A 582 -7.20 -15.33 -28.10
C PRO A 582 -6.19 -16.42 -27.72
N TRP A 583 -4.91 -16.14 -27.96
CA TRP A 583 -3.75 -16.98 -27.64
C TRP A 583 -3.18 -16.55 -26.28
N ALA A 584 -3.82 -15.55 -25.68
CA ALA A 584 -3.41 -14.96 -24.39
C ALA A 584 -4.64 -14.76 -23.51
N ARG A 585 -5.70 -14.13 -24.03
CA ARG A 585 -6.93 -13.87 -23.25
C ARG A 585 -6.60 -13.05 -21.98
N GLY A 586 -5.53 -12.24 -22.04
CA GLY A 586 -5.06 -11.34 -20.96
C GLY A 586 -3.54 -11.16 -20.91
N SER A 587 -3.03 -10.49 -19.87
CA SER A 587 -1.59 -10.10 -19.73
C SER A 587 -0.89 -11.11 -18.84
N TYR A 588 -1.28 -11.28 -17.57
CA TYR A 588 -0.69 -12.29 -16.65
C TYR A 588 -1.44 -12.46 -15.32
N SER A 589 -1.09 -13.49 -14.59
CA SER A 589 -1.83 -13.89 -13.37
C SER A 589 -1.65 -12.88 -12.23
N TYR A 590 -2.67 -12.81 -11.40
CA TYR A 590 -2.72 -12.05 -10.15
C TYR A 590 -3.42 -12.96 -9.16
N VAL A 591 -3.10 -12.82 -7.88
CA VAL A 591 -3.81 -13.57 -6.81
C VAL A 591 -5.11 -12.82 -6.53
N ALA A 592 -6.23 -13.38 -6.98
CA ALA A 592 -7.55 -12.75 -6.82
C ALA A 592 -7.93 -12.86 -5.35
N ALA A 593 -8.80 -11.99 -4.85
CA ALA A 593 -9.51 -12.21 -3.57
C ALA A 593 -10.02 -13.66 -3.55
N GLY A 594 -9.72 -14.41 -2.48
CA GLY A 594 -10.24 -15.76 -2.20
C GLY A 594 -9.47 -16.85 -2.94
N SER A 595 -8.54 -16.44 -3.77
CA SER A 595 -7.37 -17.26 -4.18
C SER A 595 -6.28 -17.09 -3.10
N SER A 596 -5.26 -17.90 -3.21
CA SER A 596 -3.97 -17.77 -2.51
C SER A 596 -2.87 -18.20 -3.48
N GLY A 597 -1.65 -18.32 -3.03
CA GLY A 597 -0.56 -18.73 -3.91
C GLY A 597 -0.53 -20.23 -4.01
N ASN A 598 -1.24 -20.95 -3.11
CA ASN A 598 -1.38 -22.43 -3.22
C ASN A 598 -1.87 -22.77 -4.62
N ASP A 599 -2.69 -21.92 -5.22
CA ASP A 599 -3.26 -22.21 -6.55
C ASP A 599 -2.13 -22.30 -7.56
N TYR A 600 -1.16 -21.39 -7.52
CA TYR A 600 0.05 -21.51 -8.37
C TYR A 600 0.66 -22.93 -8.29
N ASP A 601 0.48 -23.63 -7.17
CA ASP A 601 1.12 -24.94 -6.94
C ASP A 601 0.28 -26.06 -7.55
N LEU A 602 -1.00 -26.13 -7.20
CA LEU A 602 -2.02 -26.88 -7.97
C LEU A 602 -1.84 -26.63 -9.48
N MET A 603 -1.77 -25.38 -9.95
CA MET A 603 -1.65 -25.14 -11.41
C MET A 603 -0.46 -25.95 -11.94
N ALA A 604 0.59 -26.18 -11.15
CA ALA A 604 1.81 -26.85 -11.66
C ALA A 604 1.84 -28.36 -11.42
N GLN A 605 0.99 -28.92 -10.55
CA GLN A 605 0.91 -30.40 -10.32
C GLN A 605 0.52 -31.04 -11.66
N PRO A 606 1.27 -32.05 -12.15
CA PRO A 606 0.89 -32.75 -13.37
C PRO A 606 -0.26 -33.72 -13.12
N ILE A 607 -0.93 -34.14 -14.20
CA ILE A 607 -2.12 -35.05 -14.22
C ILE A 607 -1.72 -36.47 -14.61
N THR A 608 -2.23 -37.44 -13.87
CA THR A 608 -1.95 -38.87 -14.08
C THR A 608 -3.22 -39.59 -14.51
N PRO A 609 -3.29 -40.14 -15.73
CA PRO A 609 -4.52 -40.80 -16.19
C PRO A 609 -4.93 -42.01 -15.34
N GLY A 610 -6.22 -42.37 -15.27
CA GLY A 610 -6.71 -43.66 -14.74
C GLY A 610 -6.05 -44.85 -15.47
N PRO A 611 -6.14 -46.10 -14.95
CA PRO A 611 -5.46 -47.23 -15.58
C PRO A 611 -6.30 -47.61 -16.81
N SER A 612 -5.67 -48.19 -17.85
CA SER A 612 -6.35 -48.49 -19.16
C SER A 612 -7.26 -49.71 -18.95
N ILE A 613 -6.68 -50.88 -18.72
CA ILE A 613 -7.39 -52.13 -18.30
C ILE A 613 -7.55 -52.05 -16.79
N PRO A 614 -8.74 -52.28 -16.19
CA PRO A 614 -8.89 -52.16 -14.73
C PRO A 614 -8.05 -53.23 -13.98
N GLY A 615 -7.60 -52.87 -12.77
CA GLY A 615 -6.67 -53.65 -11.94
C GLY A 615 -5.25 -53.74 -12.50
N ALA A 616 -4.85 -52.84 -13.40
CA ALA A 616 -3.47 -52.76 -13.95
C ALA A 616 -2.65 -51.79 -13.10
N PRO A 617 -1.30 -51.92 -13.05
CA PRO A 617 -0.49 -51.05 -12.23
C PRO A 617 -0.80 -49.58 -12.55
N GLN A 618 -0.84 -48.74 -11.50
CA GLN A 618 -0.72 -47.25 -11.45
C GLN A 618 0.13 -46.63 -12.56
N PRO A 619 -0.47 -45.80 -13.44
CA PRO A 619 0.34 -45.13 -14.47
C PRO A 619 1.17 -43.95 -13.93
N ILE A 620 2.47 -43.85 -14.29
CA ILE A 620 3.10 -42.67 -14.95
C ILE A 620 2.11 -41.49 -15.11
N PRO A 621 2.55 -40.25 -14.85
CA PRO A 621 1.84 -39.07 -15.31
C PRO A 621 2.24 -38.69 -16.74
N ARG A 622 1.33 -37.99 -17.40
CA ARG A 622 1.35 -37.75 -18.87
C ARG A 622 1.24 -36.27 -19.19
N LEU A 623 0.35 -35.56 -18.47
CA LEU A 623 0.02 -34.13 -18.70
C LEU A 623 0.74 -33.28 -17.66
N PHE A 624 1.64 -32.41 -18.12
CA PHE A 624 2.49 -31.50 -17.31
C PHE A 624 2.12 -30.06 -17.66
N PHE A 625 2.29 -29.13 -16.73
CA PHE A 625 2.00 -27.70 -16.91
C PHE A 625 3.19 -26.83 -16.54
N ALA A 626 3.47 -25.87 -17.39
CA ALA A 626 4.41 -24.78 -17.08
C ALA A 626 3.78 -23.49 -17.57
N GLY A 627 4.55 -22.40 -17.50
CA GLY A 627 3.99 -21.06 -17.70
C GLY A 627 3.94 -20.26 -16.41
N GLU A 628 4.16 -18.96 -16.61
CA GLU A 628 3.96 -17.81 -15.71
C GLU A 628 2.98 -18.21 -14.60
N HIS A 629 1.84 -18.76 -14.93
CA HIS A 629 0.74 -18.99 -13.97
C HIS A 629 0.98 -20.25 -13.11
N THR A 630 2.18 -20.85 -13.09
CA THR A 630 2.41 -22.19 -12.47
C THR A 630 3.58 -22.14 -11.49
N ILE A 631 4.10 -20.96 -11.16
CA ILE A 631 5.31 -20.76 -10.33
C ILE A 631 5.01 -19.73 -9.24
N ARG A 632 4.79 -20.22 -8.03
CA ARG A 632 4.27 -19.48 -6.85
C ARG A 632 5.11 -18.24 -6.59
N ASN A 633 6.41 -18.38 -6.80
CA ASN A 633 7.39 -17.42 -6.26
C ASN A 633 7.80 -16.40 -7.31
N TYR A 634 7.48 -16.66 -8.60
CA TYR A 634 7.92 -15.76 -9.69
C TYR A 634 6.83 -15.62 -10.73
N PRO A 635 5.55 -15.56 -10.31
CA PRO A 635 4.46 -15.40 -11.23
C PRO A 635 4.69 -14.07 -11.94
N ALA A 636 4.21 -14.08 -13.16
CA ALA A 636 3.83 -12.91 -13.96
C ALA A 636 5.10 -12.23 -14.40
N THR A 637 6.17 -13.00 -14.56
CA THR A 637 7.44 -12.49 -15.11
C THR A 637 7.91 -13.42 -16.24
N VAL A 638 8.94 -13.00 -16.98
CA VAL A 638 9.66 -13.86 -17.95
C VAL A 638 10.46 -14.92 -17.17
N HIS A 639 11.32 -14.52 -16.25
CA HIS A 639 12.09 -15.47 -15.41
C HIS A 639 11.17 -16.56 -14.85
N GLY A 640 10.05 -16.19 -14.23
CA GLY A 640 9.13 -17.19 -13.70
C GLY A 640 8.73 -18.20 -14.77
N ALA A 641 8.40 -17.75 -15.97
CA ALA A 641 8.11 -18.66 -17.09
C ALA A 641 9.32 -19.58 -17.28
N LEU A 642 10.44 -18.97 -17.70
CA LEU A 642 11.78 -19.57 -17.91
C LEU A 642 11.96 -20.66 -16.87
N LEU A 643 11.67 -20.38 -15.61
CA LEU A 643 11.93 -21.38 -14.53
C LEU A 643 10.92 -22.52 -14.67
N SER A 644 9.64 -22.19 -14.77
CA SER A 644 8.55 -23.21 -14.82
C SER A 644 8.91 -24.21 -15.92
N GLY A 645 9.46 -23.69 -17.03
CA GLY A 645 9.95 -24.53 -18.15
C GLY A 645 11.04 -25.47 -17.69
N LEU A 646 12.15 -24.94 -17.17
CA LEU A 646 13.32 -25.74 -16.78
C LEU A 646 12.87 -26.85 -15.82
N ARG A 647 11.98 -26.46 -14.90
CA ARG A 647 11.38 -27.30 -13.82
C ARG A 647 10.70 -28.49 -14.47
N GLU A 648 9.65 -28.25 -15.27
CA GLU A 648 8.92 -29.33 -15.95
C GLU A 648 9.90 -30.21 -16.72
N ALA A 649 10.83 -29.62 -17.46
CA ALA A 649 11.78 -30.44 -18.25
C ALA A 649 12.45 -31.44 -17.31
N GLY A 650 12.82 -31.01 -16.12
CA GLY A 650 13.40 -31.93 -15.13
C GLY A 650 12.39 -32.99 -14.74
N ARG A 651 11.17 -32.59 -14.40
CA ARG A 651 10.15 -33.51 -13.82
C ARG A 651 9.86 -34.60 -14.86
N ILE A 652 9.86 -34.23 -16.13
CA ILE A 652 9.55 -35.11 -17.29
C ILE A 652 10.75 -36.03 -17.52
N ALA A 653 11.95 -35.51 -17.62
CA ALA A 653 13.14 -36.37 -17.78
C ALA A 653 13.24 -37.34 -16.59
N ASP A 654 12.96 -36.88 -15.37
CA ASP A 654 13.03 -37.77 -14.18
C ASP A 654 12.06 -38.97 -14.41
N GLN A 655 11.00 -38.79 -15.18
CA GLN A 655 10.03 -39.88 -15.43
C GLN A 655 10.41 -40.74 -16.62
N PHE A 656 10.62 -40.13 -17.78
CA PHE A 656 10.71 -40.79 -19.10
C PHE A 656 12.17 -41.17 -19.40
N LEU A 657 13.16 -40.67 -18.66
CA LEU A 657 14.58 -41.15 -18.76
C LEU A 657 15.09 -41.65 -17.42
N GLY A 658 14.25 -41.71 -16.37
CA GLY A 658 14.59 -42.22 -15.02
C GLY A 658 15.47 -41.26 -14.21
N ALA A 659 15.38 -41.35 -12.87
CA ALA A 659 15.98 -40.42 -11.87
C ALA A 659 17.21 -41.07 -11.21
N LYS B 1 2.04 -2.42 14.69
CA LYS B 1 1.01 -1.31 14.99
C LYS B 1 0.98 -0.29 13.85
N PRO B 2 -0.11 0.51 13.73
CA PRO B 2 -0.40 1.20 12.47
C PRO B 2 0.74 2.11 12.09
N PRO B 3 1.05 2.35 10.80
CA PRO B 3 2.14 3.24 10.45
C PRO B 3 1.79 4.59 11.10
N LYS B 4 2.79 5.43 11.38
CA LYS B 4 2.62 6.75 12.04
C LYS B 4 1.58 7.56 11.22
N GLY B 5 0.63 8.21 11.92
CA GLY B 5 -0.41 9.08 11.33
C GLY B 5 -1.32 8.33 10.36
N MET B 6 -1.72 7.12 10.73
CA MET B 6 -2.93 6.46 10.21
C MET B 6 -3.67 6.04 11.46
N PHE B 7 -4.99 5.96 11.43
CA PHE B 7 -5.84 5.67 12.62
C PHE B 7 -6.79 4.55 12.23
N LEU B 8 -6.80 3.47 13.02
CA LEU B 8 -7.49 2.20 12.70
C LEU B 8 -7.75 1.42 13.99
N SER B 9 -8.87 1.71 14.67
CA SER B 9 -9.27 0.91 15.84
C SER B 9 -9.96 -0.33 15.31
N GLN B 10 -9.77 -1.46 15.99
CA GLN B 10 -10.60 -2.67 15.77
C GLN B 10 -12.05 -2.16 15.65
N GLU B 11 -12.46 -1.36 16.65
CA GLU B 11 -13.81 -0.76 16.82
C GLU B 11 -14.26 -0.01 15.55
N ASP B 12 -13.49 0.98 15.13
CA ASP B 12 -13.86 1.91 14.02
C ASP B 12 -14.01 1.13 12.71
N VAL B 13 -13.19 0.10 12.50
CA VAL B 13 -13.27 -0.73 11.27
C VAL B 13 -14.64 -1.43 11.24
N GLU B 14 -14.98 -2.14 12.33
CA GLU B 14 -16.28 -2.87 12.46
C GLU B 14 -17.42 -1.91 12.13
N ALA B 15 -17.25 -0.64 12.49
CA ALA B 15 -18.31 0.38 12.57
C ALA B 15 -18.48 1.11 11.22
N VAL B 16 -17.44 1.20 10.39
CA VAL B 16 -17.54 1.91 9.07
C VAL B 16 -17.81 0.89 7.96
N SER B 17 -18.03 -0.39 8.30
CA SER B 17 -18.27 -1.51 7.35
C SER B 17 -19.49 -2.37 7.73
N ALA B 18 -20.12 -2.14 8.90
CA ALA B 18 -21.16 -3.00 9.51
C ALA B 18 -22.38 -3.14 8.59
N ASN B 19 -22.62 -2.18 7.68
CA ASN B 19 -23.53 -2.35 6.51
C ASN B 19 -22.84 -1.79 5.25
N ALA B 20 -23.61 -1.43 4.22
CA ALA B 20 -23.09 -1.07 2.87
C ALA B 20 -23.02 0.45 2.71
N THR B 21 -23.38 1.21 3.77
CA THR B 21 -23.34 2.70 3.81
C THR B 21 -22.95 3.25 5.20
N ALA B 22 -22.69 2.38 6.19
CA ALA B 22 -22.05 2.77 7.47
C ALA B 22 -20.85 3.66 7.15
N ALA B 23 -20.09 3.28 6.12
CA ALA B 23 -19.24 4.19 5.31
C ALA B 23 -19.66 5.65 5.59
N THR B 24 -20.69 6.13 4.91
CA THR B 24 -20.92 7.58 4.68
C THR B 24 -22.11 8.06 5.51
N THR B 25 -22.78 7.17 6.25
CA THR B 25 -23.55 7.53 7.47
C THR B 25 -22.58 8.23 8.43
N VAL B 26 -21.58 7.48 8.94
CA VAL B 26 -20.66 7.90 10.04
C VAL B 26 -19.98 9.23 9.67
N LEU B 27 -19.45 9.34 8.44
CA LEU B 27 -18.79 10.59 7.95
C LEU B 27 -19.78 11.77 8.05
N ARG B 28 -21.03 11.58 7.63
CA ARG B 28 -22.06 12.67 7.59
C ARG B 28 -22.49 13.05 9.02
N GLN B 29 -22.92 12.11 9.86
CA GLN B 29 -23.44 12.43 11.24
C GLN B 29 -22.33 13.08 12.08
N LEU B 30 -21.09 13.12 11.59
CA LEU B 30 -19.99 13.94 12.17
C LEU B 30 -20.02 15.31 11.50
N ASP B 31 -19.99 15.34 10.17
CA ASP B 31 -20.21 16.55 9.34
C ASP B 31 -21.34 17.39 9.95
N MET B 32 -22.43 16.73 10.39
CA MET B 32 -23.65 17.36 10.97
C MET B 32 -23.38 17.75 12.42
N GLU B 33 -22.87 16.85 13.27
CA GLU B 33 -22.41 17.24 14.63
C GLU B 33 -21.42 18.42 14.55
N LEU B 34 -20.66 18.57 13.47
CA LEU B 34 -19.67 19.67 13.37
C LEU B 34 -20.44 21.00 13.31
N VAL B 35 -21.40 21.15 12.38
CA VAL B 35 -22.16 22.42 12.17
C VAL B 35 -22.93 22.77 13.46
N SER B 36 -23.57 21.80 14.11
CA SER B 36 -24.21 21.99 15.44
C SER B 36 -23.26 22.75 16.38
N VAL B 37 -22.05 22.24 16.57
CA VAL B 37 -21.05 22.77 17.55
C VAL B 37 -20.50 24.11 17.04
N LYS B 38 -20.47 24.37 15.74
CA LYS B 38 -20.12 25.72 15.23
C LYS B 38 -21.26 26.69 15.58
N ARG B 39 -22.52 26.26 15.48
CA ARG B 39 -23.72 27.09 15.78
C ARG B 39 -23.74 27.41 17.28
N GLN B 40 -23.49 26.41 18.14
CA GLN B 40 -23.35 26.61 19.61
C GLN B 40 -22.26 27.66 19.86
N ILE B 41 -21.19 27.65 19.08
CA ILE B 41 -20.03 28.57 19.29
C ILE B 41 -20.49 30.01 19.01
N GLN B 42 -21.24 30.27 17.93
CA GLN B 42 -21.71 31.64 17.56
C GLN B 42 -22.67 32.15 18.63
N ASN B 43 -23.65 31.33 18.99
CA ASN B 43 -24.64 31.65 20.04
C ASN B 43 -23.86 32.09 21.31
N ILE B 44 -22.93 31.27 21.82
CA ILE B 44 -22.25 31.51 23.13
C ILE B 44 -21.27 32.70 23.01
N LYS B 45 -21.10 33.24 21.81
CA LYS B 45 -20.12 34.32 21.55
C LYS B 45 -20.90 35.62 21.65
N GLN B 46 -22.07 35.64 21.00
CA GLN B 46 -23.15 36.67 21.09
C GLN B 46 -23.53 36.87 22.57
N THR B 47 -24.02 35.82 23.24
CA THR B 47 -24.32 35.81 24.68
C THR B 47 -23.16 36.49 25.41
N ASN B 48 -21.92 36.01 25.24
CA ASN B 48 -20.72 36.55 25.95
C ASN B 48 -20.49 38.03 25.57
N SER B 49 -20.72 38.39 24.32
CA SER B 49 -20.41 39.73 23.76
C SER B 49 -21.36 40.77 24.38
N ALA B 50 -22.60 40.40 24.68
CA ALA B 50 -23.58 41.21 25.44
C ALA B 50 -23.00 41.56 26.82
N LEU B 51 -22.54 40.56 27.57
CA LEU B 51 -22.09 40.75 28.97
C LEU B 51 -20.83 41.62 28.96
N LYS B 52 -20.04 41.62 27.90
CA LYS B 52 -18.85 42.52 27.84
C LYS B 52 -19.36 43.95 27.75
N GLU B 53 -20.53 44.16 27.15
CA GLU B 53 -21.20 45.48 27.04
C GLU B 53 -21.59 45.93 28.47
N LYS B 54 -22.34 45.08 29.17
CA LYS B 54 -22.79 45.35 30.56
C LYS B 54 -21.60 45.70 31.47
N LEU B 55 -20.39 45.29 31.11
CA LEU B 55 -19.16 45.47 31.92
C LEU B 55 -18.46 46.78 31.47
N ASP B 56 -18.93 47.43 30.41
CA ASP B 56 -18.32 48.67 29.85
C ASP B 56 -18.24 49.70 30.98
N GLY B 57 -17.07 50.29 31.21
CA GLY B 57 -16.79 51.20 32.34
C GLY B 57 -16.04 50.51 33.46
N GLY B 58 -16.17 49.18 33.55
CA GLY B 58 -15.56 48.38 34.62
C GLY B 58 -16.22 48.71 35.94
N ILE B 59 -15.41 49.02 36.95
CA ILE B 59 -15.89 49.49 38.27
C ILE B 59 -15.08 50.75 38.64
N GLU B 60 -14.68 51.51 37.62
CA GLU B 60 -13.77 52.67 37.78
C GLU B 60 -14.45 53.65 38.73
N PRO B 61 -15.65 54.18 38.41
CA PRO B 61 -16.32 55.10 39.33
C PRO B 61 -16.85 54.46 40.63
N TYR B 62 -16.04 53.66 41.34
CA TYR B 62 -16.53 52.93 42.55
C TYR B 62 -15.39 52.63 43.58
N ARG B 63 -14.17 53.18 43.48
CA ARG B 63 -13.12 53.06 44.54
C ARG B 63 -13.08 54.32 45.43
N CYS B 71 -0.69 52.99 61.42
CA CYS B 71 -0.85 51.98 62.53
C CYS B 71 -0.50 52.67 63.86
N ASN B 72 -0.89 52.05 65.00
CA ASN B 72 -0.67 52.56 66.38
C ASN B 72 -1.22 51.50 67.35
N ALA B 73 -0.57 51.30 68.50
CA ALA B 73 -0.86 50.20 69.45
C ALA B 73 -1.69 50.69 70.65
N ARG B 74 -1.99 51.99 70.75
CA ARG B 74 -2.90 52.58 71.79
C ARG B 74 -4.35 52.54 71.28
N TRP B 75 -5.18 51.77 71.96
CA TRP B 75 -6.64 51.61 71.69
C TRP B 75 -7.42 52.82 72.20
N THR B 76 -8.00 53.66 71.33
CA THR B 76 -9.09 54.58 71.74
C THR B 76 -10.35 53.75 72.09
N THR B 77 -11.28 54.36 72.82
CA THR B 77 -12.64 53.84 73.10
C THR B 77 -13.42 53.80 71.77
N GLU B 78 -13.20 54.78 70.90
CA GLU B 78 -13.71 54.80 69.49
C GLU B 78 -13.40 53.44 68.89
N GLU B 79 -12.10 53.12 68.86
CA GLU B 79 -11.49 51.90 68.26
C GLU B 79 -12.10 50.63 68.89
N GLN B 80 -12.18 50.53 70.22
CA GLN B 80 -12.70 49.31 70.91
C GLN B 80 -14.13 49.02 70.42
N LEU B 81 -14.90 50.06 70.16
CA LEU B 81 -16.35 49.88 69.90
C LEU B 81 -16.51 49.47 68.44
N LEU B 82 -15.69 50.05 67.56
CA LEU B 82 -15.57 49.62 66.14
C LEU B 82 -15.25 48.11 66.11
N ALA B 83 -14.26 47.66 66.87
CA ALA B 83 -13.94 46.23 67.04
C ALA B 83 -15.21 45.45 67.37
N VAL B 84 -15.69 45.44 68.62
CA VAL B 84 -16.90 44.69 69.04
C VAL B 84 -17.92 44.57 67.91
N GLN B 85 -18.22 45.66 67.21
CA GLN B 85 -19.29 45.70 66.19
C GLN B 85 -18.89 44.83 65.02
N ALA B 86 -17.62 45.01 64.57
CA ALA B 86 -16.92 44.24 63.51
C ALA B 86 -17.03 42.74 63.79
N ILE B 87 -16.79 42.37 65.04
CA ILE B 87 -17.01 40.98 65.56
C ILE B 87 -18.47 40.56 65.26
N ARG B 88 -19.54 41.30 65.62
CA ARG B 88 -20.93 40.79 65.42
C ARG B 88 -21.20 40.57 63.92
N LYS B 89 -20.29 41.05 63.03
CA LYS B 89 -20.52 41.17 61.57
C LYS B 89 -19.34 40.60 60.78
N TYR B 90 -18.41 39.90 61.42
CA TYR B 90 -17.22 39.34 60.73
C TYR B 90 -16.64 38.13 61.48
N GLY B 91 -17.33 37.68 62.54
CA GLY B 91 -16.89 36.65 63.51
C GLY B 91 -15.40 36.70 63.84
N ARG B 92 -14.61 35.97 63.06
CA ARG B 92 -13.22 35.62 63.39
C ARG B 92 -12.29 36.15 62.29
N ASP B 93 -12.80 36.97 61.37
CA ASP B 93 -12.04 37.45 60.18
C ASP B 93 -11.20 38.66 60.63
N PHE B 94 -10.17 38.36 61.42
CA PHE B 94 -9.22 39.35 62.01
C PHE B 94 -8.71 40.30 60.92
N GLN B 95 -8.73 39.94 59.63
CA GLN B 95 -8.19 40.85 58.58
C GLN B 95 -9.24 41.94 58.29
N ALA B 96 -10.52 41.55 58.22
CA ALA B 96 -11.68 42.47 58.09
C ALA B 96 -11.70 43.39 59.30
N ILE B 97 -11.92 42.82 60.48
CA ILE B 97 -11.93 43.56 61.77
C ILE B 97 -10.79 44.60 61.79
N SER B 98 -9.57 44.20 61.47
CA SER B 98 -8.39 45.10 61.38
C SER B 98 -8.59 46.13 60.25
N ASP B 99 -9.18 45.76 59.12
CA ASP B 99 -9.37 46.72 58.01
C ASP B 99 -10.30 47.83 58.48
N VAL B 100 -11.42 47.46 59.10
CA VAL B 100 -12.49 48.35 59.66
C VAL B 100 -11.91 49.26 60.74
N ILE B 101 -11.28 48.70 61.77
CA ILE B 101 -10.68 49.50 62.89
C ILE B 101 -9.63 50.51 62.35
N GLY B 102 -9.11 50.35 61.13
CA GLY B 102 -8.26 51.35 60.45
C GLY B 102 -6.75 51.27 60.80
N ASN B 103 -6.39 51.03 62.06
CA ASN B 103 -5.04 51.33 62.61
C ASN B 103 -4.68 50.32 63.72
N LYS B 104 -4.91 49.04 63.49
CA LYS B 104 -4.52 47.94 64.44
C LYS B 104 -4.12 46.71 63.62
N SER B 105 -2.84 46.31 63.69
CA SER B 105 -2.35 45.04 63.09
C SER B 105 -3.21 43.86 63.54
N VAL B 106 -3.17 42.81 62.72
CA VAL B 106 -4.08 41.64 62.74
C VAL B 106 -3.82 40.88 64.05
N VAL B 107 -2.64 41.12 64.63
CA VAL B 107 -2.28 40.57 65.96
C VAL B 107 -3.13 41.33 66.98
N GLN B 108 -3.03 42.67 67.00
CA GLN B 108 -3.55 43.53 68.09
C GLN B 108 -5.04 43.23 68.23
N VAL B 109 -5.72 42.94 67.10
CA VAL B 109 -7.12 42.44 67.08
C VAL B 109 -7.21 41.14 67.90
N LYS B 110 -6.46 40.11 67.49
CA LYS B 110 -6.43 38.75 68.11
C LYS B 110 -6.17 38.90 69.62
N ASN B 111 -5.27 39.81 70.03
CA ASN B 111 -4.96 40.11 71.46
C ASN B 111 -6.21 40.64 72.18
N PHE B 112 -6.65 41.85 71.78
CA PHE B 112 -7.90 42.52 72.23
C PHE B 112 -8.97 41.44 72.41
N PHE B 113 -9.01 40.57 71.41
CA PHE B 113 -10.00 39.48 71.24
C PHE B 113 -10.01 38.62 72.51
N VAL B 114 -8.90 38.61 73.24
CA VAL B 114 -8.75 37.80 74.49
C VAL B 114 -8.81 38.73 75.71
N ASN B 115 -7.96 39.76 75.77
CA ASN B 115 -7.86 40.74 76.88
C ASN B 115 -9.26 41.14 77.40
N TYR B 116 -10.17 41.45 76.49
CA TYR B 116 -11.51 41.96 76.90
C TYR B 116 -12.40 40.73 77.08
N ARG B 117 -12.47 39.90 76.04
CA ARG B 117 -13.22 38.62 75.90
C ARG B 117 -14.37 38.52 76.93
N ARG B 118 -14.04 38.67 78.21
CA ARG B 118 -14.99 38.54 79.34
C ARG B 118 -16.01 39.71 79.30
N ARG B 119 -15.52 40.96 79.22
CA ARG B 119 -16.32 42.16 79.58
C ARG B 119 -16.74 42.95 78.32
N PHE B 120 -16.54 42.41 77.12
CA PHE B 120 -17.25 42.83 75.88
C PHE B 120 -18.12 41.67 75.40
N ASN B 121 -18.64 40.89 76.34
CA ASN B 121 -19.33 39.58 76.16
C ASN B 121 -18.98 38.88 74.82
N ILE B 122 -17.69 38.66 74.51
CA ILE B 122 -17.23 38.30 73.12
C ILE B 122 -17.70 36.91 72.70
N ASP B 123 -17.82 35.99 73.65
CA ASP B 123 -18.40 34.65 73.37
C ASP B 123 -19.82 34.91 72.87
N GLU B 124 -20.61 35.61 73.71
CA GLU B 124 -22.03 35.99 73.47
C GLU B 124 -22.17 36.70 72.12
N VAL B 125 -21.17 37.52 71.75
CA VAL B 125 -21.11 38.22 70.45
C VAL B 125 -20.95 37.20 69.33
N LEU B 126 -20.13 36.18 69.56
CA LEU B 126 -19.77 35.25 68.46
C LEU B 126 -20.90 34.23 68.21
N GLN B 127 -21.60 33.81 69.27
CA GLN B 127 -22.78 32.92 69.14
C GLN B 127 -23.92 33.68 68.44
N GLU B 128 -23.93 35.03 68.55
CA GLU B 128 -24.78 35.93 67.71
C GLU B 128 -24.34 35.80 66.23
N TRP B 129 -23.06 36.01 65.90
CA TRP B 129 -22.51 35.94 64.51
C TRP B 129 -22.79 34.59 63.84
N GLU B 130 -22.87 33.50 64.62
CA GLU B 130 -23.51 32.19 64.27
C GLU B 130 -25.04 32.42 64.07
N ALA B 131 -25.48 32.34 62.82
CA ALA B 131 -26.57 33.16 62.19
C ALA B 131 -25.90 34.22 61.29
N GLU B 132 -24.71 33.89 60.77
CA GLU B 132 -24.09 34.34 59.48
C GLU B 132 -23.71 35.83 59.56
N15 V0Y C . 4.82 -3.39 -19.45
C14 V0Y C . 5.09 -3.84 -18.40
C10 V0Y C . 5.38 -4.18 -17.16
C11 V0Y C . 6.63 -3.81 -16.70
F13 V0Y C . 7.41 -3.24 -17.63
C12 V0Y C . 7.06 -4.10 -15.40
C9 V0Y C . 4.46 -4.79 -16.32
C8 V0Y C . 4.85 -5.03 -15.00
C7 V0Y C . 6.15 -4.73 -14.53
C6 V0Y C . 6.34 -5.06 -13.08
C5 V0Y C . 7.05 -4.21 -12.13
C16 V0Y C . 7.81 -2.92 -12.51
C17 V0Y C . 9.19 -2.70 -12.49
C18 V0Y C . 9.76 -1.48 -12.94
F22 V0Y C . 11.13 -1.28 -12.93
C19 V0Y C . 8.93 -0.49 -13.41
O23 V0Y C . 9.29 0.73 -13.87
C24 V0Y C . 10.28 1.38 -13.07
C20 V0Y C . 7.61 -0.69 -13.39
C21 V0Y C . 7.06 -1.87 -12.96
C4 V0Y C . 7.03 -4.63 -10.82
O25 V0Y C . 7.67 -3.98 -9.96
N1 V0Y C . 5.65 -6.18 -12.70
C2 V0Y C . 5.67 -6.60 -11.41
N3 V0Y C . 6.33 -5.79 -10.46
C26 V0Y C . 6.32 -6.24 -9.07
N27 V0Y C . 5.01 -7.77 -10.90
C28 V0Y C . 5.72 -8.77 -10.21
C29 V0Y C . 4.81 -9.48 -9.22
C30 V0Y C . 3.56 -10.05 -9.87
N33 V0Y C . 2.61 -10.40 -8.99
C31 V0Y C . 2.98 -9.08 -10.87
C32 V0Y C . 4.04 -8.35 -11.71
PA FAD D . 3.20 -17.33 -23.30
O1A FAD D . 1.77 -16.92 -23.23
O2A FAD D . 4.24 -16.41 -23.84
O5B FAD D . 3.35 -18.74 -24.06
C5B FAD D . 2.20 -19.56 -24.36
C4B FAD D . 2.12 -19.79 -25.84
O4B FAD D . 0.96 -20.59 -26.15
C3B FAD D . 1.97 -18.51 -26.68
O3B FAD D . 3.06 -18.52 -27.59
C2B FAD D . 0.55 -18.63 -27.29
O2B FAD D . 0.38 -18.02 -28.55
C1B FAD D . 0.41 -20.14 -27.38
N9A FAD D . -0.94 -20.70 -27.51
C8A FAD D . -2.11 -20.29 -26.88
N7A FAD D . -3.15 -21.03 -27.17
C5A FAD D . -2.64 -22.00 -28.01
C6A FAD D . -3.23 -23.11 -28.65
N6A FAD D . -4.50 -23.43 -28.53
N1A FAD D . -2.44 -23.92 -29.39
C2A FAD D . -1.14 -23.58 -29.52
N3A FAD D . -0.47 -22.56 -28.97
C4A FAD D . -1.29 -21.82 -28.22
N1 FAD D . 7.37 -9.96 -17.43
C2 FAD D . 8.56 -9.39 -17.14
O2 FAD D . 9.50 -10.02 -16.67
N3 FAD D . 8.77 -8.07 -17.38
C4 FAD D . 7.81 -7.25 -17.91
O4 FAD D . 8.09 -6.09 -18.20
C4X FAD D . 6.63 -7.82 -18.30
N5 FAD D . 5.75 -7.04 -18.87
C5X FAD D . 4.64 -7.63 -19.39
C6 FAD D . 3.77 -6.83 -20.13
C7 FAD D . 2.69 -7.37 -20.78
C7M FAD D . 1.80 -6.47 -21.58
C8 FAD D . 2.42 -8.73 -20.64
C8M FAD D . 1.21 -9.33 -21.31
C9 FAD D . 3.22 -9.51 -19.81
C9A FAD D . 4.38 -9.00 -19.23
N10 FAD D . 5.28 -9.76 -18.47
C10 FAD D . 6.47 -9.21 -18.04
C1' FAD D . 5.08 -11.21 -18.28
C2' FAD D . 5.70 -12.06 -19.35
O2' FAD D . 5.44 -11.50 -20.65
C3' FAD D . 5.06 -13.45 -19.23
O3' FAD D . 5.08 -13.92 -17.90
C4' FAD D . 5.72 -14.51 -20.09
O4' FAD D . 6.22 -13.88 -21.28
C5' FAD D . 4.75 -15.62 -20.43
O5' FAD D . 5.45 -16.90 -20.45
P FAD D . 4.70 -18.23 -20.89
O1P FAD D . 5.64 -19.04 -21.73
O2P FAD D . 4.07 -18.68 -19.61
O3P FAD D . 3.51 -17.70 -21.78
#